data_4BII
#
_entry.id   4BII
#
_cell.length_a   64.852
_cell.length_b   110.285
_cell.length_c   67.519
_cell.angle_alpha   90.00
_cell.angle_beta   98.21
_cell.angle_gamma   90.00
#
_symmetry.space_group_name_H-M   'P 1 21 1'
#
loop_
_entity.id
_entity.type
_entity.pdbx_description
1 polymer 'ENOYL-[ACYL-CARRIER-PROTEIN] REDUCTASE [NADH]'
2 non-polymer NICOTINAMIDE-ADENINE-DINUCLEOTIDE
3 non-polymer Pyridomycin
4 water water
#
_entity_poly.entity_id   1
_entity_poly.type   'polypeptide(L)'
_entity_poly.pdbx_seq_one_letter_code
;MTGLLDGKRILVSGIITDSSIAFHIARVAQEQGAQLVLTGFDRLRLIQRITDRLPAKAPLLELDVQNEEHLASLAGRVTE
AIGAGNKLDGVVHSIGFMPQTGMGINPFFDAPYADVSKGIHISAYSYASMAKALLPIMNPGGSIVGMDFDPSRAMPAYNW
MTVAKSALESVNRFVAREAGKYGVRSNLVAAGPIRTLAMSAIVGGALGEEAGAQIQLLEEGWDQRAPIGWNMKDATPVAK
TVCALLSDWLPATTGDIIYADGGAHTQLL
;
_entity_poly.pdbx_strand_id   A,B,C,D
#
loop_
_chem_comp.id
_chem_comp.type
_chem_comp.name
_chem_comp.formula
NAD non-polymer NICOTINAMIDE-ADENINE-DINUCLEOTIDE 'C21 H27 N7 O14 P2'
PYW non-polymer Pyridomycin 'C27 H32 N4 O8'
#
# COMPACT_ATOMS: atom_id res chain seq x y z
N GLY A 3 -8.34 31.64 -16.05
CA GLY A 3 -7.49 30.89 -15.13
C GLY A 3 -8.18 29.66 -14.59
N LEU A 4 -7.38 28.69 -14.13
CA LEU A 4 -7.88 27.45 -13.56
C LEU A 4 -8.88 27.66 -12.39
N LEU A 5 -8.63 28.68 -11.55
CA LEU A 5 -9.43 28.92 -10.34
C LEU A 5 -10.23 30.20 -10.38
N ASP A 6 -10.63 30.61 -11.58
CA ASP A 6 -11.37 31.84 -11.80
C ASP A 6 -12.68 31.93 -11.01
N GLY A 7 -12.79 32.96 -10.17
CA GLY A 7 -13.97 33.22 -9.35
C GLY A 7 -14.05 32.47 -8.03
N LYS A 8 -13.12 31.53 -7.80
CA LYS A 8 -13.08 30.73 -6.58
C LYS A 8 -12.52 31.51 -5.41
N ARG A 9 -13.14 31.33 -4.23
CA ARG A 9 -12.74 31.96 -2.98
C ARG A 9 -12.00 30.90 -2.18
N ILE A 10 -10.70 31.12 -1.96
CA ILE A 10 -9.85 30.12 -1.31
C ILE A 10 -9.10 30.67 -0.09
N LEU A 11 -9.22 29.96 1.03
CA LEU A 11 -8.46 30.28 2.25
C LEU A 11 -7.12 29.53 2.17
N VAL A 12 -6.01 30.24 2.41
CA VAL A 12 -4.67 29.63 2.39
C VAL A 12 -3.99 29.92 3.74
N SER A 13 -3.69 28.86 4.49
CA SER A 13 -2.99 29.00 5.76
C SER A 13 -1.51 28.66 5.52
N GLY A 14 -0.68 28.91 6.53
CA GLY A 14 0.72 28.51 6.51
C GLY A 14 1.78 29.36 5.85
N ILE A 15 1.47 30.63 5.52
CA ILE A 15 2.53 31.49 4.98
C ILE A 15 3.35 32.01 6.16
N ILE A 16 4.66 31.78 6.17
CA ILE A 16 5.57 32.33 7.18
C ILE A 16 6.67 33.13 6.47
N THR A 17 7.23 32.58 5.37
CA THR A 17 8.27 33.24 4.55
C THR A 17 7.87 33.11 3.08
N ASP A 18 8.63 33.73 2.17
CA ASP A 18 8.36 33.62 0.74
C ASP A 18 8.87 32.27 0.19
N SER A 19 9.50 31.46 1.06
CA SER A 19 9.92 30.11 0.68
C SER A 19 8.90 29.02 1.15
N SER A 20 7.89 29.41 1.98
CA SER A 20 6.80 28.51 2.43
C SER A 20 6.08 27.96 1.21
N ILE A 21 5.70 26.67 1.20
CA ILE A 21 4.95 26.08 0.09
C ILE A 21 3.63 26.89 -0.04
N ALA A 22 3.06 27.36 1.10
CA ALA A 22 1.80 28.13 1.11
C ALA A 22 1.91 29.42 0.35
N PHE A 23 3.12 30.06 0.35
CA PHE A 23 3.36 31.28 -0.42
C PHE A 23 3.20 31.00 -1.91
N HIS A 24 3.81 29.92 -2.40
CA HIS A 24 3.74 29.47 -3.79
C HIS A 24 2.34 28.99 -4.18
N ILE A 25 1.62 28.33 -3.25
CA ILE A 25 0.25 27.88 -3.47
C ILE A 25 -0.62 29.12 -3.71
N ALA A 26 -0.48 30.13 -2.82
CA ALA A 26 -1.25 31.38 -2.90
C ALA A 26 -0.95 32.12 -4.19
N ARG A 27 0.35 32.18 -4.58
CA ARG A 27 0.78 32.87 -5.81
C ARG A 27 0.17 32.24 -7.05
N VAL A 28 0.30 30.90 -7.21
CA VAL A 28 -0.26 30.19 -8.35
C VAL A 28 -1.79 30.36 -8.36
N ALA A 29 -2.47 30.20 -7.19
CA ALA A 29 -3.92 30.37 -7.12
C ALA A 29 -4.36 31.75 -7.59
N GLN A 30 -3.65 32.84 -7.18
CA GLN A 30 -3.96 34.20 -7.64
C GLN A 30 -3.70 34.37 -9.14
N GLU A 31 -2.59 33.81 -9.66
CA GLU A 31 -2.26 33.85 -11.10
C GLU A 31 -3.40 33.21 -11.88
N GLN A 32 -4.07 32.24 -11.24
CA GLN A 32 -5.17 31.48 -11.85
C GLN A 32 -6.56 32.04 -11.54
N GLY A 33 -6.63 33.30 -11.11
CA GLY A 33 -7.89 34.02 -10.87
C GLY A 33 -8.62 33.79 -9.55
N ALA A 34 -8.00 33.08 -8.56
CA ALA A 34 -8.68 32.86 -7.27
C ALA A 34 -8.61 34.11 -6.41
N GLN A 35 -9.62 34.31 -5.55
CA GLN A 35 -9.68 35.41 -4.59
C GLN A 35 -9.32 34.75 -3.25
N LEU A 36 -8.25 35.23 -2.62
CA LEU A 36 -7.75 34.60 -1.40
C LEU A 36 -8.06 35.30 -0.09
N VAL A 37 -8.08 34.48 0.97
CA VAL A 37 -8.16 34.87 2.37
C VAL A 37 -6.98 34.12 2.97
N LEU A 38 -6.09 34.84 3.63
CA LEU A 38 -4.90 34.23 4.21
C LEU A 38 -5.00 34.18 5.72
N THR A 39 -4.40 33.16 6.35
CA THR A 39 -4.34 33.08 7.80
C THR A 39 -2.87 33.04 8.22
N GLY A 40 -2.57 33.69 9.32
CA GLY A 40 -1.21 33.71 9.83
C GLY A 40 -1.12 33.45 11.32
N PHE A 41 0.02 32.86 11.74
CA PHE A 41 0.30 32.56 13.13
C PHE A 41 1.49 33.39 13.70
N ASP A 42 1.25 33.96 14.90
CA ASP A 42 2.19 34.71 15.75
C ASP A 42 2.81 35.97 15.12
N ARG A 43 3.74 35.81 14.15
CA ARG A 43 4.47 36.92 13.52
C ARG A 43 3.66 37.60 12.39
N LEU A 44 2.49 38.15 12.75
CA LEU A 44 1.51 38.74 11.83
C LEU A 44 2.05 39.91 11.00
N ARG A 45 2.77 40.87 11.65
CA ARG A 45 3.38 42.02 10.95
C ARG A 45 4.42 41.52 9.94
N LEU A 46 5.20 40.50 10.33
CA LEU A 46 6.20 39.88 9.46
C LEU A 46 5.54 39.16 8.28
N ILE A 47 4.38 38.51 8.52
CA ILE A 47 3.64 37.77 7.46
C ILE A 47 3.09 38.77 6.43
N GLN A 48 2.61 39.95 6.88
CA GLN A 48 2.11 41.01 6.01
C GLN A 48 3.16 41.45 4.98
N ARG A 49 4.42 41.61 5.43
CA ARG A 49 5.55 42.03 4.56
C ARG A 49 5.77 40.99 3.46
N ILE A 50 5.65 39.69 3.82
CA ILE A 50 5.79 38.56 2.92
C ILE A 50 4.64 38.52 1.90
N THR A 51 3.36 38.56 2.37
CA THR A 51 2.15 38.51 1.53
C THR A 51 2.02 39.75 0.62
N ASP A 52 2.74 40.85 0.95
CA ASP A 52 2.82 42.04 0.08
C ASP A 52 3.63 41.70 -1.19
N ARG A 53 4.34 40.53 -1.19
CA ARG A 53 5.13 40.02 -2.32
C ARG A 53 4.27 39.13 -3.26
N LEU A 54 2.99 38.90 -2.91
CA LEU A 54 2.05 38.12 -3.74
C LEU A 54 1.51 38.98 -4.89
N PRO A 55 1.03 38.37 -6.00
CA PRO A 55 0.50 39.19 -7.12
C PRO A 55 -0.62 40.17 -6.76
N ALA A 56 -1.55 39.77 -5.88
CA ALA A 56 -2.67 40.63 -5.45
C ALA A 56 -2.83 40.66 -3.93
N LYS A 57 -3.46 41.73 -3.45
CA LYS A 57 -3.77 41.97 -2.04
C LYS A 57 -4.85 41.00 -1.59
N ALA A 58 -4.69 40.47 -0.38
CA ALA A 58 -5.64 39.53 0.21
C ALA A 58 -5.74 39.81 1.71
N PRO A 59 -6.96 39.77 2.32
CA PRO A 59 -7.03 39.96 3.79
C PRO A 59 -6.29 38.85 4.56
N LEU A 60 -5.60 39.23 5.64
CA LEU A 60 -4.85 38.29 6.49
C LEU A 60 -5.54 38.21 7.84
N LEU A 61 -5.91 36.98 8.25
CA LEU A 61 -6.58 36.72 9.52
C LEU A 61 -5.67 35.95 10.45
N GLU A 62 -5.77 36.24 11.76
CA GLU A 62 -4.96 35.50 12.73
C GLU A 62 -5.57 34.15 13.04
N LEU A 63 -4.74 33.11 13.00
CA LEU A 63 -5.16 31.77 13.34
C LEU A 63 -4.05 30.96 13.96
N ASP A 64 -4.20 30.68 15.27
CA ASP A 64 -3.34 29.74 16.00
C ASP A 64 -4.23 28.51 16.10
N VAL A 65 -3.85 27.41 15.42
CA VAL A 65 -4.64 26.16 15.40
C VAL A 65 -4.75 25.48 16.78
N GLN A 66 -3.84 25.82 17.71
CA GLN A 66 -3.88 25.32 19.09
C GLN A 66 -4.83 26.17 19.96
N ASN A 67 -5.34 27.28 19.41
CA ASN A 67 -6.26 28.20 20.09
C ASN A 67 -7.70 27.91 19.66
N GLU A 68 -8.48 27.35 20.58
CA GLU A 68 -9.88 26.97 20.38
C GLU A 68 -10.80 28.16 20.14
N GLU A 69 -10.44 29.35 20.67
CA GLU A 69 -11.21 30.58 20.48
C GLU A 69 -11.01 31.09 19.05
N HIS A 70 -9.76 31.04 18.52
CA HIS A 70 -9.45 31.39 17.14
C HIS A 70 -10.24 30.50 16.17
N LEU A 71 -10.39 29.19 16.50
CA LEU A 71 -11.13 28.24 15.66
C LEU A 71 -12.65 28.46 15.70
N ALA A 72 -13.21 28.79 16.89
CA ALA A 72 -14.63 29.04 17.07
C ALA A 72 -15.10 30.34 16.36
N SER A 73 -14.20 31.32 16.21
CA SER A 73 -14.51 32.60 15.56
C SER A 73 -14.12 32.67 14.09
N LEU A 74 -13.27 31.73 13.62
CA LEU A 74 -12.75 31.67 12.26
C LEU A 74 -13.79 31.86 11.15
N ALA A 75 -14.87 31.04 11.10
CA ALA A 75 -15.89 31.13 10.02
C ALA A 75 -16.49 32.53 9.93
N GLY A 76 -16.85 33.11 11.09
CA GLY A 76 -17.40 34.46 11.20
C GLY A 76 -16.44 35.49 10.67
N ARG A 77 -15.14 35.37 11.02
CA ARG A 77 -14.08 36.28 10.55
C ARG A 77 -13.83 36.14 9.05
N VAL A 78 -13.89 34.91 8.51
CA VAL A 78 -13.73 34.65 7.07
C VAL A 78 -14.91 35.29 6.32
N THR A 79 -16.15 35.07 6.81
CA THR A 79 -17.38 35.62 6.23
C THR A 79 -17.31 37.16 6.16
N GLU A 80 -16.79 37.81 7.20
CA GLU A 80 -16.58 39.26 7.25
C GLU A 80 -15.62 39.70 6.13
N ALA A 81 -14.53 38.93 5.92
CA ALA A 81 -13.51 39.21 4.90
C ALA A 81 -13.99 38.98 3.47
N ILE A 82 -14.82 37.95 3.21
CA ILE A 82 -15.29 37.63 1.86
C ILE A 82 -16.67 38.22 1.55
N GLY A 83 -17.34 38.72 2.57
CA GLY A 83 -18.66 39.34 2.44
C GLY A 83 -19.77 38.37 2.76
N ALA A 84 -20.78 38.84 3.53
CA ALA A 84 -21.95 38.06 3.93
C ALA A 84 -22.66 37.51 2.70
N GLY A 85 -23.07 36.25 2.78
CA GLY A 85 -23.72 35.57 1.66
C GLY A 85 -22.76 34.81 0.75
N ASN A 86 -21.43 35.04 0.90
CA ASN A 86 -20.40 34.34 0.12
C ASN A 86 -19.79 33.23 0.95
N LYS A 87 -19.38 32.15 0.26
CA LYS A 87 -18.75 31.01 0.89
C LYS A 87 -17.43 30.68 0.20
N LEU A 88 -16.60 29.87 0.87
CA LEU A 88 -15.33 29.41 0.33
C LEU A 88 -15.54 28.23 -0.59
N ASP A 89 -14.72 28.15 -1.63
CA ASP A 89 -14.68 27.01 -2.55
C ASP A 89 -13.45 26.15 -2.25
N GLY A 90 -12.49 26.73 -1.53
CA GLY A 90 -11.26 26.02 -1.24
C GLY A 90 -10.64 26.37 0.10
N VAL A 91 -9.95 25.37 0.67
CA VAL A 91 -9.25 25.54 1.96
C VAL A 91 -7.93 24.85 1.76
N VAL A 92 -6.82 25.53 2.09
CA VAL A 92 -5.48 24.94 2.00
C VAL A 92 -4.89 24.94 3.40
N HIS A 93 -4.59 23.74 3.93
CA HIS A 93 -3.95 23.53 5.22
C HIS A 93 -2.49 23.31 4.87
N SER A 94 -1.63 24.28 5.21
CA SER A 94 -0.20 24.15 4.89
C SER A 94 0.57 24.47 6.16
N ILE A 95 0.25 23.73 7.21
CA ILE A 95 0.78 23.87 8.56
C ILE A 95 1.45 22.57 9.00
N GLY A 96 2.69 22.68 9.44
CA GLY A 96 3.45 21.54 9.93
C GLY A 96 4.46 22.00 10.96
N PHE A 97 4.58 21.26 12.07
CA PHE A 97 5.53 21.59 13.13
C PHE A 97 5.87 20.39 13.96
N MET A 98 7.15 20.27 14.33
CA MET A 98 7.64 19.27 15.25
C MET A 98 8.85 19.86 15.97
N PRO A 99 8.86 19.93 17.32
CA PRO A 99 10.05 20.45 18.01
C PRO A 99 11.30 19.64 17.66
N GLN A 100 12.48 20.25 17.84
CA GLN A 100 13.77 19.62 17.48
C GLN A 100 14.04 18.32 18.23
N THR A 101 13.42 18.10 19.40
CA THR A 101 13.53 16.84 20.15
C THR A 101 12.90 15.65 19.38
N GLY A 102 11.92 15.94 18.52
CA GLY A 102 11.23 14.89 17.75
C GLY A 102 11.63 14.80 16.30
N MET A 103 12.52 15.66 15.86
CA MET A 103 12.89 15.75 14.46
C MET A 103 14.27 16.34 14.35
N GLY A 104 15.14 15.62 13.64
CA GLY A 104 16.51 16.06 13.39
C GLY A 104 17.57 15.11 13.88
N ILE A 105 18.49 15.64 14.67
CA ILE A 105 19.63 14.89 15.19
C ILE A 105 19.31 14.07 16.42
N ASN A 106 18.32 14.52 17.21
CA ASN A 106 17.95 13.90 18.48
C ASN A 106 17.51 12.45 18.29
N PRO A 107 18.02 11.48 19.10
CA PRO A 107 17.57 10.10 18.95
C PRO A 107 16.04 9.98 19.03
N PHE A 108 15.46 9.09 18.23
CA PHE A 108 14.00 8.86 18.16
C PHE A 108 13.41 8.64 19.57
N PHE A 109 14.13 7.87 20.42
CA PHE A 109 13.69 7.53 21.78
C PHE A 109 13.78 8.67 22.78
N ASP A 110 14.47 9.78 22.44
CA ASP A 110 14.66 10.91 23.37
C ASP A 110 13.64 12.04 23.18
N ALA A 111 12.58 11.84 22.41
CA ALA A 111 11.58 12.89 22.24
C ALA A 111 10.57 12.80 23.39
N PRO A 112 10.41 13.84 24.26
CA PRO A 112 9.38 13.76 25.30
C PRO A 112 7.99 13.82 24.66
N TYR A 113 6.99 13.19 25.28
CA TYR A 113 5.65 13.18 24.73
C TYR A 113 5.02 14.56 24.59
N ALA A 114 5.26 15.49 25.53
CA ALA A 114 4.72 16.85 25.43
C ALA A 114 5.11 17.47 24.09
N ASP A 115 6.36 17.25 23.63
CA ASP A 115 6.84 17.79 22.36
C ASP A 115 6.19 17.08 21.17
N VAL A 116 6.13 15.74 21.20
CA VAL A 116 5.49 14.93 20.14
C VAL A 116 4.01 15.35 20.04
N SER A 117 3.32 15.48 21.18
CA SER A 117 1.91 15.83 21.23
C SER A 117 1.69 17.20 20.59
N LYS A 118 2.56 18.17 20.89
CA LYS A 118 2.43 19.50 20.31
C LYS A 118 2.54 19.41 18.76
N GLY A 119 3.52 18.64 18.28
CA GLY A 119 3.75 18.45 16.85
C GLY A 119 2.57 17.79 16.15
N ILE A 120 1.96 16.77 16.81
CA ILE A 120 0.79 16.05 16.28
C ILE A 120 -0.44 16.98 16.28
N HIS A 121 -0.59 17.81 17.32
CA HIS A 121 -1.71 18.77 17.41
C HIS A 121 -1.70 19.71 16.18
N ILE A 122 -0.55 20.34 15.94
CA ILE A 122 -0.35 21.30 14.86
C ILE A 122 -0.32 20.63 13.49
N SER A 123 0.35 19.48 13.36
CA SER A 123 0.56 18.86 12.06
C SER A 123 -0.54 17.92 11.56
N ALA A 124 -1.32 17.33 12.48
CA ALA A 124 -2.32 16.33 12.09
C ALA A 124 -3.73 16.67 12.55
N TYR A 125 -3.93 16.83 13.88
CA TYR A 125 -5.25 17.15 14.46
C TYR A 125 -5.83 18.44 13.89
N SER A 126 -4.98 19.49 13.68
CA SER A 126 -5.45 20.78 13.18
C SER A 126 -6.10 20.71 11.79
N TYR A 127 -5.82 19.63 11.03
CA TYR A 127 -6.45 19.44 9.72
C TYR A 127 -7.95 19.19 9.96
N ALA A 128 -8.30 18.38 10.99
CA ALA A 128 -9.70 18.13 11.37
C ALA A 128 -10.33 19.41 11.95
N SER A 129 -9.57 20.13 12.81
CA SER A 129 -10.02 21.41 13.42
C SER A 129 -10.43 22.44 12.36
N MET A 130 -9.57 22.64 11.37
CA MET A 130 -9.82 23.61 10.29
C MET A 130 -11.02 23.21 9.44
N ALA A 131 -11.17 21.92 9.14
CA ALA A 131 -12.29 21.41 8.36
C ALA A 131 -13.60 21.61 9.14
N LYS A 132 -13.59 21.37 10.47
CA LYS A 132 -14.75 21.54 11.32
C LYS A 132 -15.20 22.99 11.32
N ALA A 133 -14.24 23.93 11.45
CA ALA A 133 -14.52 25.36 11.47
C ALA A 133 -15.02 25.91 10.14
N LEU A 134 -14.45 25.40 9.03
CA LEU A 134 -14.72 25.95 7.71
C LEU A 134 -15.76 25.23 6.85
N LEU A 135 -16.02 23.91 7.06
CA LEU A 135 -17.04 23.19 6.26
C LEU A 135 -18.42 23.91 6.26
N PRO A 136 -18.91 24.45 7.41
CA PRO A 136 -20.21 25.17 7.36
C PRO A 136 -20.25 26.39 6.43
N ILE A 137 -19.08 26.93 6.04
CA ILE A 137 -19.01 28.09 5.13
C ILE A 137 -18.33 27.70 3.80
N MET A 138 -18.46 26.44 3.40
CA MET A 138 -17.93 25.93 2.13
C MET A 138 -19.04 25.59 1.14
N ASN A 139 -18.82 25.93 -0.15
CA ASN A 139 -19.77 25.65 -1.22
C ASN A 139 -19.68 24.21 -1.68
N PRO A 140 -20.78 23.60 -2.20
CA PRO A 140 -20.67 22.25 -2.80
C PRO A 140 -19.69 22.30 -3.98
N GLY A 141 -18.99 21.19 -4.20
CA GLY A 141 -17.96 21.12 -5.23
C GLY A 141 -16.63 21.67 -4.71
N GLY A 142 -16.63 22.13 -3.45
CA GLY A 142 -15.48 22.69 -2.74
C GLY A 142 -14.36 21.69 -2.54
N SER A 143 -13.19 22.17 -2.11
CA SER A 143 -11.99 21.33 -1.97
C SER A 143 -11.10 21.74 -0.77
N ILE A 144 -10.78 20.78 0.10
CA ILE A 144 -9.86 20.99 1.21
C ILE A 144 -8.59 20.23 0.82
N VAL A 145 -7.42 20.89 0.92
CA VAL A 145 -6.14 20.29 0.58
C VAL A 145 -5.15 20.51 1.73
N GLY A 146 -4.43 19.46 2.09
CA GLY A 146 -3.41 19.54 3.12
C GLY A 146 -2.09 19.08 2.53
N MET A 147 -1.00 19.38 3.22
CA MET A 147 0.36 19.07 2.74
C MET A 147 0.95 17.91 3.52
N ASP A 148 1.47 16.93 2.77
CA ASP A 148 2.01 15.71 3.32
C ASP A 148 3.47 15.45 2.80
N PHE A 149 4.14 14.51 3.43
N PHE A 149 4.17 14.50 3.44
CA PHE A 149 5.40 13.93 2.98
CA PHE A 149 5.47 13.96 3.05
C PHE A 149 5.23 12.47 3.29
C PHE A 149 5.33 12.48 3.34
N ASP A 150 5.39 11.63 2.28
CA ASP A 150 5.17 10.18 2.35
C ASP A 150 5.81 9.50 3.59
N PRO A 151 4.94 9.05 4.53
CA PRO A 151 5.43 8.43 5.76
C PRO A 151 5.33 6.90 5.80
N SER A 152 5.04 6.24 4.65
CA SER A 152 4.86 4.79 4.51
C SER A 152 6.06 3.99 4.96
N ARG A 153 7.24 4.62 4.89
CA ARG A 153 8.51 4.01 5.28
C ARG A 153 9.25 4.90 6.22
N ALA A 154 9.95 4.31 7.20
CA ALA A 154 10.78 5.09 8.13
C ALA A 154 12.01 5.65 7.38
N MET A 155 12.55 6.75 7.88
CA MET A 155 13.71 7.40 7.27
C MET A 155 14.55 8.10 8.33
N PRO A 156 15.86 8.36 8.11
CA PRO A 156 16.62 9.05 9.16
C PRO A 156 16.09 10.48 9.35
N ALA A 157 16.27 11.01 10.57
CA ALA A 157 16.03 12.39 11.02
C ALA A 157 14.56 12.85 11.09
N TYR A 158 13.72 12.49 10.11
N TYR A 158 13.71 12.48 10.10
CA TYR A 158 12.33 12.94 10.09
CA TYR A 158 12.31 12.91 10.08
C TYR A 158 11.54 12.43 11.31
C TYR A 158 11.56 12.45 11.32
N ASN A 159 11.91 11.24 11.82
CA ASN A 159 11.46 10.65 13.08
C ASN A 159 9.98 10.88 13.44
N TRP A 160 9.71 11.66 14.49
CA TRP A 160 8.33 11.90 14.96
C TRP A 160 7.48 12.75 14.00
N MET A 161 8.07 13.51 13.04
CA MET A 161 7.29 14.24 12.04
C MET A 161 6.70 13.21 11.04
N THR A 162 7.40 12.10 10.80
CA THR A 162 6.85 11.00 9.97
C THR A 162 5.62 10.41 10.64
N VAL A 163 5.68 10.21 11.98
CA VAL A 163 4.58 9.69 12.76
C VAL A 163 3.40 10.67 12.64
N ALA A 164 3.67 12.00 12.79
CA ALA A 164 2.63 13.04 12.62
C ALA A 164 2.02 13.01 11.20
N LYS A 165 2.83 12.76 10.14
CA LYS A 165 2.31 12.64 8.76
C LYS A 165 1.45 11.39 8.59
N SER A 166 1.85 10.28 9.23
CA SER A 166 1.06 9.04 9.19
C SER A 166 -0.32 9.31 9.85
N ALA A 167 -0.33 10.07 10.95
CA ALA A 167 -1.59 10.45 11.63
C ALA A 167 -2.40 11.37 10.72
N LEU A 168 -1.74 12.35 10.04
CA LEU A 168 -2.41 13.27 9.11
C LEU A 168 -3.16 12.53 7.98
N GLU A 169 -2.51 11.54 7.37
CA GLU A 169 -3.11 10.76 6.30
C GLU A 169 -4.36 10.06 6.78
N SER A 170 -4.33 9.55 8.04
CA SER A 170 -5.48 8.90 8.63
C SER A 170 -6.60 9.93 8.89
N VAL A 171 -6.23 11.11 9.45
CA VAL A 171 -7.17 12.20 9.72
C VAL A 171 -7.88 12.63 8.41
N ASN A 172 -7.10 12.78 7.32
CA ASN A 172 -7.62 13.16 6.00
C ASN A 172 -8.76 12.22 5.52
N ARG A 173 -8.60 10.91 5.72
CA ARG A 173 -9.64 9.93 5.34
C ARG A 173 -10.96 10.12 6.12
N PHE A 174 -10.87 10.53 7.40
CA PHE A 174 -12.06 10.80 8.23
C PHE A 174 -12.63 12.16 7.90
N VAL A 175 -11.77 13.14 7.62
CA VAL A 175 -12.23 14.49 7.22
C VAL A 175 -13.04 14.37 5.91
N ALA A 176 -12.62 13.49 4.97
CA ALA A 176 -13.33 13.23 3.70
C ALA A 176 -14.77 12.78 3.95
N ARG A 177 -14.99 11.91 4.97
CA ARG A 177 -16.32 11.41 5.34
C ARG A 177 -17.21 12.58 5.72
N GLU A 178 -16.68 13.50 6.58
CA GLU A 178 -17.43 14.67 7.02
C GLU A 178 -17.65 15.67 5.89
N ALA A 179 -16.60 15.97 5.13
CA ALA A 179 -16.63 16.89 3.99
C ALA A 179 -17.64 16.48 2.88
N GLY A 180 -17.76 15.18 2.62
CA GLY A 180 -18.67 14.64 1.64
C GLY A 180 -20.13 15.01 1.84
N LYS A 181 -20.54 15.26 3.10
CA LYS A 181 -21.90 15.67 3.50
C LYS A 181 -22.24 17.07 2.94
N TYR A 182 -21.20 17.88 2.67
CA TYR A 182 -21.28 19.24 2.12
C TYR A 182 -20.98 19.28 0.63
N GLY A 183 -20.70 18.11 0.04
CA GLY A 183 -20.30 17.96 -1.36
C GLY A 183 -18.87 18.47 -1.55
N VAL A 184 -18.04 18.37 -0.49
CA VAL A 184 -16.67 18.87 -0.49
C VAL A 184 -15.67 17.72 -0.46
N ARG A 185 -14.57 17.84 -1.23
CA ARG A 185 -13.49 16.86 -1.26
C ARG A 185 -12.40 17.25 -0.27
N SER A 186 -11.66 16.25 0.23
CA SER A 186 -10.53 16.44 1.14
C SER A 186 -9.39 15.55 0.67
N ASN A 187 -8.23 16.13 0.34
CA ASN A 187 -7.10 15.34 -0.12
C ASN A 187 -5.80 15.93 0.37
N LEU A 188 -4.74 15.14 0.31
CA LEU A 188 -3.40 15.61 0.65
C LEU A 188 -2.50 15.61 -0.57
N VAL A 189 -1.54 16.53 -0.60
CA VAL A 189 -0.50 16.52 -1.62
C VAL A 189 0.79 16.09 -0.91
N ALA A 190 1.31 14.91 -1.28
CA ALA A 190 2.57 14.42 -0.74
C ALA A 190 3.70 14.95 -1.64
N ALA A 191 4.46 15.93 -1.12
CA ALA A 191 5.52 16.53 -1.91
C ALA A 191 6.86 15.84 -1.69
N GLY A 192 7.77 15.99 -2.63
CA GLY A 192 9.14 15.55 -2.48
C GLY A 192 9.85 16.57 -1.59
N PRO A 193 11.15 16.38 -1.24
CA PRO A 193 11.81 17.34 -0.36
C PRO A 193 11.95 18.73 -0.99
N ILE A 194 11.69 19.78 -0.21
CA ILE A 194 11.78 21.17 -0.65
C ILE A 194 12.71 21.90 0.30
N ARG A 195 13.74 22.56 -0.24
CA ARG A 195 14.69 23.39 0.50
C ARG A 195 13.97 24.71 0.86
N THR A 196 13.27 24.73 2.02
CA THR A 196 12.58 25.90 2.55
C THR A 196 13.50 26.67 3.50
N GLY A 204 24.28 23.51 4.59
CA GLY A 204 24.67 24.54 5.55
C GLY A 204 25.54 24.02 6.67
N GLY A 205 25.18 22.86 7.22
CA GLY A 205 25.92 22.19 8.28
C GLY A 205 25.49 22.52 9.71
N ALA A 206 24.30 23.15 9.88
CA ALA A 206 23.74 23.54 11.17
C ALA A 206 23.36 22.33 12.04
N LEU A 207 23.14 21.16 11.44
CA LEU A 207 22.80 19.95 12.18
C LEU A 207 24.02 19.04 12.41
N GLY A 208 25.19 19.47 11.94
CA GLY A 208 26.41 18.69 12.05
C GLY A 208 26.66 17.86 10.81
N GLU A 209 27.85 17.26 10.72
CA GLU A 209 28.24 16.48 9.54
C GLU A 209 27.42 15.18 9.33
N GLU A 210 27.10 14.43 10.41
CA GLU A 210 26.38 13.16 10.35
C GLU A 210 24.96 13.30 9.82
N ALA A 211 24.18 14.23 10.40
CA ALA A 211 22.80 14.49 9.99
C ALA A 211 22.80 15.11 8.61
N GLY A 212 23.75 16.03 8.38
CA GLY A 212 23.93 16.71 7.09
C GLY A 212 24.13 15.73 5.95
N ALA A 213 24.93 14.66 6.17
CA ALA A 213 25.23 13.62 5.19
C ALA A 213 24.01 12.73 4.94
N GLN A 214 23.28 12.37 6.02
CA GLN A 214 22.08 11.54 5.96
C GLN A 214 20.95 12.25 5.19
N ILE A 215 20.79 13.55 5.46
CA ILE A 215 19.77 14.38 4.83
C ILE A 215 20.14 14.64 3.37
N GLN A 216 21.44 14.84 3.07
CA GLN A 216 21.94 15.04 1.72
C GLN A 216 21.68 13.79 0.87
N LEU A 217 21.97 12.58 1.41
CA LEU A 217 21.74 11.30 0.73
C LEU A 217 20.24 11.08 0.47
N LEU A 218 19.38 11.51 1.41
CA LEU A 218 17.92 11.40 1.31
C LEU A 218 17.41 12.23 0.11
N GLU A 219 17.88 13.48 0.04
CA GLU A 219 17.55 14.45 -1.01
C GLU A 219 18.12 14.09 -2.37
N GLU A 220 19.39 13.64 -2.46
CA GLU A 220 20.01 13.23 -3.74
C GLU A 220 19.34 11.98 -4.31
N GLY A 221 18.94 11.04 -3.43
CA GLY A 221 18.25 9.80 -3.77
C GLY A 221 16.93 10.04 -4.46
N TRP A 222 16.26 11.14 -4.10
CA TRP A 222 14.99 11.56 -4.68
C TRP A 222 15.08 11.88 -6.17
N ASP A 223 16.02 12.76 -6.55
CA ASP A 223 16.23 13.15 -7.94
C ASP A 223 16.67 11.96 -8.79
N GLN A 224 17.48 11.03 -8.22
CA GLN A 224 17.89 9.85 -9.01
C GLN A 224 16.74 8.85 -9.19
N ARG A 225 15.85 8.67 -8.20
CA ARG A 225 14.71 7.74 -8.30
C ARG A 225 13.57 8.30 -9.13
N ALA A 226 13.36 9.63 -9.07
CA ALA A 226 12.28 10.29 -9.79
C ALA A 226 12.48 10.13 -11.31
N PRO A 227 11.62 9.39 -12.05
CA PRO A 227 11.85 9.24 -13.51
C PRO A 227 11.90 10.58 -14.28
N ILE A 228 11.20 11.62 -13.78
CA ILE A 228 11.23 12.95 -14.41
C ILE A 228 12.15 13.93 -13.65
N GLY A 229 12.90 13.41 -12.69
CA GLY A 229 13.79 14.22 -11.86
C GLY A 229 13.04 14.97 -10.77
N TRP A 230 13.79 15.59 -9.86
CA TRP A 230 13.20 16.33 -8.76
C TRP A 230 14.08 17.51 -8.45
N ASN A 231 13.51 18.71 -8.47
CA ASN A 231 14.25 19.93 -8.16
C ASN A 231 13.82 20.36 -6.76
N MET A 232 14.68 20.09 -5.77
CA MET A 232 14.34 20.37 -4.39
C MET A 232 14.32 21.89 -4.08
N LYS A 233 14.80 22.75 -4.99
CA LYS A 233 14.78 24.20 -4.81
C LYS A 233 13.45 24.78 -5.32
N ASP A 234 12.65 24.00 -6.05
CA ASP A 234 11.45 24.50 -6.74
C ASP A 234 10.13 23.95 -6.19
N ALA A 235 9.33 24.81 -5.54
CA ALA A 235 8.03 24.46 -4.96
C ALA A 235 6.88 24.55 -5.96
N THR A 236 7.10 25.17 -7.14
CA THR A 236 6.06 25.39 -8.17
C THR A 236 5.34 24.09 -8.60
N PRO A 237 6.02 22.95 -8.93
CA PRO A 237 5.25 21.74 -9.32
C PRO A 237 4.27 21.27 -8.23
N VAL A 238 4.62 21.51 -6.95
CA VAL A 238 3.80 21.15 -5.77
C VAL A 238 2.61 22.12 -5.69
N ALA A 239 2.86 23.46 -5.79
CA ALA A 239 1.80 24.47 -5.79
C ALA A 239 0.78 24.24 -6.92
N LYS A 240 1.24 23.90 -8.14
CA LYS A 240 0.36 23.61 -9.29
C LYS A 240 -0.52 22.38 -8.98
N THR A 241 0.06 21.34 -8.36
CA THR A 241 -0.66 20.12 -7.96
C THR A 241 -1.78 20.46 -6.94
N VAL A 242 -1.49 21.32 -5.97
CA VAL A 242 -2.51 21.76 -4.99
C VAL A 242 -3.64 22.49 -5.77
N CYS A 243 -3.28 23.36 -6.73
CA CYS A 243 -4.26 24.08 -7.53
C CYS A 243 -5.10 23.15 -8.38
N ALA A 244 -4.50 22.05 -8.90
CA ALA A 244 -5.25 21.04 -9.66
C ALA A 244 -6.36 20.42 -8.78
N LEU A 245 -6.06 20.19 -7.48
CA LEU A 245 -7.02 19.64 -6.53
C LEU A 245 -8.08 20.68 -6.11
N LEU A 246 -7.71 21.95 -6.11
CA LEU A 246 -8.63 23.05 -5.79
C LEU A 246 -9.57 23.32 -6.95
N SER A 247 -9.22 22.86 -8.17
CA SER A 247 -10.00 23.07 -9.40
C SER A 247 -11.17 22.08 -9.47
N ASP A 248 -11.92 22.11 -10.57
CA ASP A 248 -13.03 21.20 -10.80
C ASP A 248 -12.58 20.00 -11.68
N TRP A 249 -11.26 19.83 -11.85
CA TRP A 249 -10.71 18.80 -12.76
C TRP A 249 -10.42 17.44 -12.11
N LEU A 250 -10.54 17.31 -10.78
CA LEU A 250 -10.39 16.02 -10.08
C LEU A 250 -11.65 15.88 -9.19
N PRO A 251 -12.84 15.85 -9.81
CA PRO A 251 -14.09 15.89 -9.01
C PRO A 251 -14.47 14.60 -8.32
N ALA A 252 -13.81 13.47 -8.64
CA ALA A 252 -14.17 12.18 -8.04
C ALA A 252 -13.03 11.65 -7.13
N THR A 253 -12.13 12.54 -6.70
CA THR A 253 -11.01 12.18 -5.83
C THR A 253 -11.21 12.81 -4.47
N THR A 254 -11.23 11.98 -3.41
CA THR A 254 -11.40 12.42 -2.01
C THR A 254 -10.84 11.36 -1.03
N GLY A 255 -10.44 11.82 0.16
CA GLY A 255 -9.81 11.02 1.22
C GLY A 255 -8.49 10.46 0.75
N ASP A 256 -7.93 11.08 -0.29
CA ASP A 256 -6.78 10.56 -1.01
C ASP A 256 -5.51 11.38 -0.92
N ILE A 257 -4.44 10.82 -1.50
CA ILE A 257 -3.12 11.43 -1.53
C ILE A 257 -2.61 11.49 -2.98
N ILE A 258 -2.26 12.70 -3.43
CA ILE A 258 -1.66 12.93 -4.76
C ILE A 258 -0.19 13.19 -4.51
N TYR A 259 0.68 12.46 -5.20
CA TYR A 259 2.12 12.56 -5.02
C TYR A 259 2.74 13.50 -6.05
N ALA A 260 3.26 14.64 -5.59
CA ALA A 260 3.95 15.60 -6.41
C ALA A 260 5.41 15.44 -5.96
N ASP A 261 6.03 14.32 -6.35
CA ASP A 261 7.38 13.98 -5.88
C ASP A 261 8.32 13.52 -7.02
N GLY A 262 7.96 13.83 -8.26
CA GLY A 262 8.69 13.44 -9.46
C GLY A 262 8.54 11.95 -9.76
N GLY A 263 7.60 11.30 -9.07
CA GLY A 263 7.37 9.86 -9.13
C GLY A 263 8.37 9.01 -8.35
N ALA A 264 9.17 9.64 -7.47
CA ALA A 264 10.19 8.93 -6.67
C ALA A 264 9.64 7.77 -5.86
N HIS A 265 8.46 7.94 -5.27
CA HIS A 265 7.83 6.89 -4.45
C HIS A 265 7.44 5.63 -5.23
N THR A 266 7.47 5.65 -6.58
CA THR A 266 7.04 4.49 -7.41
C THR A 266 8.23 3.69 -7.89
N GLN A 267 9.43 4.11 -7.51
CA GLN A 267 10.69 3.51 -7.93
C GLN A 267 11.54 3.10 -6.73
N LEU A 268 12.12 1.89 -6.78
CA LEU A 268 12.93 1.40 -5.66
C LEU A 268 14.34 1.99 -5.73
N LEU A 269 14.94 1.92 -6.93
CA LEU A 269 16.26 2.42 -7.27
C LEU A 269 16.20 3.00 -8.70
N THR B 2 9.27 -34.16 17.39
CA THR B 2 9.26 -32.93 18.19
C THR B 2 9.63 -31.67 17.36
N GLY B 3 9.20 -31.67 16.10
CA GLY B 3 9.49 -30.59 15.16
C GLY B 3 8.26 -29.76 14.86
N LEU B 4 8.48 -28.55 14.33
CA LEU B 4 7.47 -27.59 13.91
C LEU B 4 6.44 -28.22 12.95
N LEU B 5 6.89 -29.13 12.07
CA LEU B 5 6.04 -29.68 11.01
C LEU B 5 5.86 -31.17 11.11
N ASP B 6 5.95 -31.68 12.33
CA ASP B 6 5.80 -33.09 12.68
C ASP B 6 4.50 -33.70 12.14
N GLY B 7 4.65 -34.75 11.34
CA GLY B 7 3.55 -35.49 10.75
C GLY B 7 2.95 -34.89 9.48
N LYS B 8 3.35 -33.65 9.12
CA LYS B 8 2.84 -32.95 7.93
C LYS B 8 3.41 -33.51 6.64
N ARG B 9 2.56 -33.65 5.63
CA ARG B 9 2.92 -34.13 4.27
C ARG B 9 2.95 -32.90 3.40
N ILE B 10 4.14 -32.55 2.90
CA ILE B 10 4.34 -31.31 2.14
C ILE B 10 4.96 -31.53 0.75
N LEU B 11 4.36 -30.94 -0.30
CA LEU B 11 4.90 -30.99 -1.66
C LEU B 11 5.76 -29.75 -1.85
N VAL B 12 6.99 -29.94 -2.32
CA VAL B 12 7.92 -28.83 -2.54
C VAL B 12 8.36 -28.85 -4.00
N SER B 13 7.95 -27.82 -4.73
CA SER B 13 8.34 -27.69 -6.12
C SER B 13 9.57 -26.75 -6.20
N GLY B 14 10.23 -26.70 -7.36
CA GLY B 14 11.29 -25.74 -7.61
C GLY B 14 12.73 -26.02 -7.21
N ILE B 15 13.09 -27.27 -6.83
CA ILE B 15 14.51 -27.54 -6.53
C ILE B 15 15.23 -27.69 -7.90
N ILE B 16 16.31 -26.92 -8.12
CA ILE B 16 17.13 -27.00 -9.33
C ILE B 16 18.58 -27.25 -8.91
N THR B 17 19.06 -26.50 -7.90
CA THR B 17 20.42 -26.64 -7.36
C THR B 17 20.32 -26.68 -5.84
N ASP B 18 21.46 -26.91 -5.14
CA ASP B 18 21.46 -26.91 -3.68
C ASP B 18 21.45 -25.47 -3.13
N SER B 19 21.50 -24.46 -4.02
CA SER B 19 21.39 -23.05 -3.66
C SER B 19 19.94 -22.53 -3.88
N SER B 20 19.06 -23.38 -4.49
CA SER B 20 17.64 -23.06 -4.70
C SER B 20 17.00 -22.78 -3.36
N ILE B 21 16.07 -21.79 -3.29
CA ILE B 21 15.38 -21.51 -2.03
C ILE B 21 14.60 -22.77 -1.62
N ALA B 22 14.03 -23.48 -2.59
CA ALA B 22 13.27 -24.71 -2.40
C ALA B 22 14.11 -25.78 -1.73
N PHE B 23 15.43 -25.86 -2.04
CA PHE B 23 16.30 -26.86 -1.40
C PHE B 23 16.34 -26.63 0.11
N HIS B 24 16.52 -25.36 0.56
CA HIS B 24 16.58 -25.01 1.97
C HIS B 24 15.23 -25.18 2.64
N ILE B 25 14.16 -24.81 1.93
CA ILE B 25 12.80 -25.00 2.44
C ILE B 25 12.62 -26.46 2.76
N ALA B 26 13.03 -27.33 1.80
CA ALA B 26 12.91 -28.76 1.89
C ALA B 26 13.77 -29.31 3.04
N ARG B 27 15.02 -28.85 3.17
CA ARG B 27 15.93 -29.30 4.24
C ARG B 27 15.35 -28.93 5.62
N VAL B 28 14.90 -27.66 5.79
CA VAL B 28 14.35 -27.17 7.05
C VAL B 28 13.04 -27.92 7.41
N ALA B 29 12.16 -28.17 6.42
CA ALA B 29 10.91 -28.91 6.60
C ALA B 29 11.22 -30.32 7.12
N GLN B 30 12.19 -31.02 6.49
CA GLN B 30 12.58 -32.37 6.91
C GLN B 30 13.18 -32.37 8.32
N GLU B 31 14.02 -31.37 8.63
CA GLU B 31 14.63 -31.23 9.97
C GLU B 31 13.51 -31.05 11.01
N GLN B 32 12.39 -30.40 10.59
CA GLN B 32 11.22 -30.15 11.44
C GLN B 32 10.14 -31.27 11.31
N GLY B 33 10.59 -32.45 10.88
CA GLY B 33 9.77 -33.65 10.81
C GLY B 33 8.73 -33.80 9.73
N ALA B 34 8.69 -32.93 8.71
CA ALA B 34 7.74 -33.08 7.61
C ALA B 34 8.15 -34.25 6.68
N GLN B 35 7.16 -34.89 6.04
CA GLN B 35 7.36 -35.92 5.02
C GLN B 35 7.13 -35.20 3.68
N LEU B 36 8.13 -35.23 2.80
CA LEU B 36 8.05 -34.48 1.55
C LEU B 36 7.77 -35.29 0.30
N VAL B 37 7.20 -34.58 -0.70
CA VAL B 37 6.98 -35.03 -2.07
C VAL B 37 7.60 -33.88 -2.86
N LEU B 38 8.53 -34.20 -3.74
CA LEU B 38 9.22 -33.19 -4.53
C LEU B 38 8.80 -33.23 -5.96
N THR B 39 8.78 -32.07 -6.64
CA THR B 39 8.47 -32.00 -8.06
C THR B 39 9.63 -31.38 -8.81
N GLY B 40 9.85 -31.85 -10.01
CA GLY B 40 10.94 -31.34 -10.81
C GLY B 40 10.56 -31.10 -12.25
N PHE B 41 11.22 -30.11 -12.86
CA PHE B 41 11.02 -29.78 -14.26
C PHE B 41 12.31 -29.99 -15.09
N ASP B 42 12.17 -30.66 -16.23
CA ASP B 42 13.20 -30.91 -17.26
C ASP B 42 14.45 -31.69 -16.80
N ARG B 43 15.31 -31.08 -15.95
CA ARG B 43 16.59 -31.68 -15.50
C ARG B 43 16.40 -32.68 -14.34
N LEU B 44 15.55 -33.71 -14.53
CA LEU B 44 15.15 -34.67 -13.50
C LEU B 44 16.29 -35.46 -12.88
N ARG B 45 17.22 -36.00 -13.68
CA ARG B 45 18.37 -36.77 -13.17
C ARG B 45 19.28 -35.85 -12.37
N LEU B 46 19.43 -34.58 -12.81
CA LEU B 46 20.21 -33.58 -12.10
C LEU B 46 19.56 -33.23 -10.75
N ILE B 47 18.22 -33.13 -10.72
CA ILE B 47 17.47 -32.84 -9.50
C ILE B 47 17.61 -34.00 -8.50
N GLN B 48 17.46 -35.27 -8.97
CA GLN B 48 17.65 -36.47 -8.15
C GLN B 48 18.99 -36.50 -7.39
N ARG B 49 20.12 -36.18 -8.06
CA ARG B 49 21.44 -36.09 -7.41
C ARG B 49 21.49 -35.01 -6.31
N ILE B 50 20.85 -33.84 -6.55
CA ILE B 50 20.82 -32.73 -5.61
C ILE B 50 19.93 -33.08 -4.39
N THR B 51 18.77 -33.70 -4.64
CA THR B 51 17.83 -34.09 -3.58
C THR B 51 18.39 -35.24 -2.74
N ASP B 52 19.42 -35.96 -3.26
CA ASP B 52 20.14 -37.03 -2.55
C ASP B 52 20.93 -36.44 -1.35
N ARG B 53 21.21 -35.10 -1.38
CA ARG B 53 21.91 -34.33 -0.35
C ARG B 53 20.95 -33.88 0.78
N LEU B 54 19.62 -34.07 0.60
CA LEU B 54 18.64 -33.70 1.62
C LEU B 54 18.70 -34.66 2.81
N PRO B 55 18.30 -34.24 4.04
CA PRO B 55 18.37 -35.17 5.20
C PRO B 55 17.68 -36.53 5.03
N ALA B 56 16.51 -36.56 4.36
CA ALA B 56 15.75 -37.80 4.14
C ALA B 56 15.31 -37.95 2.70
N LYS B 57 15.08 -39.21 2.30
CA LYS B 57 14.63 -39.59 0.97
C LYS B 57 13.19 -39.14 0.78
N ALA B 58 12.89 -38.64 -0.41
CA ALA B 58 11.55 -38.16 -0.75
C ALA B 58 11.26 -38.51 -2.20
N PRO B 59 10.05 -39.00 -2.56
CA PRO B 59 9.77 -39.26 -3.98
C PRO B 59 9.81 -37.97 -4.82
N LEU B 60 10.37 -38.06 -6.03
CA LEU B 60 10.47 -36.96 -6.97
C LEU B 60 9.51 -37.20 -8.14
N LEU B 61 8.58 -36.25 -8.38
CA LEU B 61 7.60 -36.34 -9.46
C LEU B 61 7.90 -35.31 -10.53
N GLU B 62 7.63 -35.65 -11.79
CA GLU B 62 7.82 -34.69 -12.88
C GLU B 62 6.63 -33.75 -12.96
N LEU B 63 6.91 -32.47 -13.09
CA LEU B 63 5.87 -31.47 -13.26
C LEU B 63 6.35 -30.28 -14.07
N ASP B 64 5.84 -30.17 -15.28
CA ASP B 64 6.04 -29.01 -16.14
C ASP B 64 4.69 -28.27 -15.99
N VAL B 65 4.71 -27.09 -15.37
CA VAL B 65 3.51 -26.30 -15.09
C VAL B 65 2.81 -25.79 -16.38
N GLN B 66 3.53 -25.79 -17.51
CA GLN B 66 2.99 -25.40 -18.80
C GLN B 66 2.32 -26.60 -19.48
N ASN B 67 2.49 -27.82 -18.90
CA ASN B 67 1.90 -29.05 -19.42
C ASN B 67 0.61 -29.39 -18.67
N GLU B 68 -0.53 -29.27 -19.39
CA GLU B 68 -1.88 -29.52 -18.86
C GLU B 68 -2.11 -30.98 -18.46
N GLU B 69 -1.40 -31.93 -19.11
CA GLU B 69 -1.50 -33.35 -18.80
C GLU B 69 -0.79 -33.64 -17.47
N HIS B 70 0.39 -33.03 -17.25
CA HIS B 70 1.13 -33.13 -15.99
C HIS B 70 0.26 -32.62 -14.82
N LEU B 71 -0.51 -31.52 -15.05
CA LEU B 71 -1.39 -30.93 -14.03
C LEU B 71 -2.62 -31.77 -13.73
N ALA B 72 -3.24 -32.36 -14.78
CA ALA B 72 -4.43 -33.21 -14.64
C ALA B 72 -4.12 -34.52 -13.90
N SER B 73 -2.87 -35.03 -14.01
CA SER B 73 -2.44 -36.28 -13.39
C SER B 73 -1.75 -36.10 -12.05
N LEU B 74 -1.31 -34.86 -11.74
CA LEU B 74 -0.58 -34.53 -10.52
C LEU B 74 -1.18 -35.09 -9.22
N ALA B 75 -2.47 -34.81 -8.90
CA ALA B 75 -3.10 -35.28 -7.64
C ALA B 75 -3.02 -36.79 -7.47
N GLY B 76 -3.33 -37.52 -8.55
CA GLY B 76 -3.26 -38.97 -8.62
C GLY B 76 -1.85 -39.48 -8.36
N ARG B 77 -0.84 -38.84 -8.97
CA ARG B 77 0.57 -39.19 -8.80
C ARG B 77 1.07 -38.89 -7.38
N VAL B 78 0.60 -37.77 -6.78
CA VAL B 78 0.96 -37.43 -5.39
C VAL B 78 0.33 -38.47 -4.45
N THR B 79 -0.96 -38.81 -4.65
CA THR B 79 -1.68 -39.80 -3.84
C THR B 79 -0.96 -41.17 -3.86
N GLU B 80 -0.46 -41.59 -5.04
CA GLU B 80 0.31 -42.82 -5.20
C GLU B 80 1.58 -42.76 -4.32
N ALA B 81 2.27 -41.60 -4.33
CA ALA B 81 3.51 -41.37 -3.58
C ALA B 81 3.32 -41.32 -2.07
N ILE B 82 2.21 -40.72 -1.59
CA ILE B 82 1.96 -40.57 -0.15
C ILE B 82 1.05 -41.68 0.43
N GLY B 83 0.43 -42.45 -0.45
CA GLY B 83 -0.45 -43.54 -0.06
C GLY B 83 -1.91 -43.13 -0.06
N ALA B 84 -2.77 -44.02 -0.60
CA ALA B 84 -4.22 -43.81 -0.67
C ALA B 84 -4.79 -43.54 0.73
N GLY B 85 -5.69 -42.57 0.82
CA GLY B 85 -6.28 -42.17 2.10
C GLY B 85 -5.54 -41.04 2.79
N ASN B 86 -4.32 -40.72 2.32
CA ASN B 86 -3.52 -39.61 2.84
C ASN B 86 -3.63 -38.39 1.96
N LYS B 87 -3.55 -37.21 2.57
CA LYS B 87 -3.62 -35.95 1.86
C LYS B 87 -2.44 -35.06 2.26
N LEU B 88 -2.20 -34.01 1.47
CA LEU B 88 -1.14 -33.04 1.73
C LEU B 88 -1.63 -32.01 2.73
N ASP B 89 -0.72 -31.54 3.57
CA ASP B 89 -0.97 -30.46 4.52
C ASP B 89 -0.30 -29.19 4.01
N GLY B 90 0.64 -29.34 3.07
CA GLY B 90 1.34 -28.18 2.55
C GLY B 90 1.76 -28.30 1.11
N VAL B 91 1.82 -27.15 0.47
CA VAL B 91 2.25 -27.02 -0.93
C VAL B 91 3.16 -25.78 -1.02
N VAL B 92 4.38 -25.99 -1.52
CA VAL B 92 5.30 -24.89 -1.73
C VAL B 92 5.49 -24.72 -3.23
N HIS B 93 5.10 -23.55 -3.75
CA HIS B 93 5.31 -23.16 -5.14
C HIS B 93 6.60 -22.33 -5.11
N SER B 94 7.68 -22.87 -5.68
CA SER B 94 8.95 -22.12 -5.68
C SER B 94 9.48 -22.17 -7.10
N ILE B 95 8.64 -21.66 -8.02
CA ILE B 95 8.89 -21.65 -9.45
C ILE B 95 8.81 -20.19 -9.97
N GLY B 96 9.84 -19.80 -10.69
CA GLY B 96 9.92 -18.48 -11.29
C GLY B 96 10.79 -18.54 -12.52
N PHE B 97 10.32 -17.92 -13.61
CA PHE B 97 11.08 -17.88 -14.86
C PHE B 97 10.68 -16.71 -15.70
N MET B 98 11.65 -16.07 -16.31
CA MET B 98 11.46 -15.02 -17.26
C MET B 98 12.63 -15.07 -18.25
N PRO B 99 12.38 -15.22 -19.57
CA PRO B 99 13.50 -15.20 -20.53
C PRO B 99 14.32 -13.92 -20.41
N GLN B 100 15.61 -13.98 -20.79
CA GLN B 100 16.58 -12.89 -20.72
C GLN B 100 16.11 -11.61 -21.45
N THR B 101 15.25 -11.72 -22.46
CA THR B 101 14.66 -10.57 -23.18
C THR B 101 13.77 -9.71 -22.25
N GLY B 102 13.18 -10.33 -21.23
CA GLY B 102 12.30 -9.64 -20.29
C GLY B 102 12.93 -9.35 -18.95
N MET B 103 14.22 -9.72 -18.78
CA MET B 103 14.95 -9.60 -17.52
C MET B 103 16.43 -9.39 -17.73
N GLY B 104 16.95 -8.30 -17.21
CA GLY B 104 18.39 -8.02 -17.26
C GLY B 104 18.80 -6.75 -17.98
N ILE B 105 19.73 -6.92 -18.94
CA ILE B 105 20.30 -5.84 -19.73
C ILE B 105 19.42 -5.39 -20.86
N ASN B 106 18.58 -6.29 -21.42
CA ASN B 106 17.71 -5.98 -22.56
C ASN B 106 16.72 -4.84 -22.22
N PRO B 107 16.56 -3.82 -23.09
CA PRO B 107 15.62 -2.73 -22.78
C PRO B 107 14.22 -3.28 -22.48
N PHE B 108 13.51 -2.69 -21.50
CA PHE B 108 12.15 -3.10 -21.11
C PHE B 108 11.22 -3.20 -22.34
N PHE B 109 11.32 -2.25 -23.27
CA PHE B 109 10.50 -2.17 -24.49
C PHE B 109 10.83 -3.24 -25.55
N ASP B 110 11.98 -3.92 -25.43
CA ASP B 110 12.40 -4.93 -26.42
C ASP B 110 12.03 -6.37 -26.07
N ALA B 111 11.22 -6.59 -25.04
CA ALA B 111 10.81 -7.94 -24.69
C ALA B 111 9.64 -8.36 -25.58
N PRO B 112 9.75 -9.41 -26.42
CA PRO B 112 8.58 -9.83 -27.24
C PRO B 112 7.50 -10.40 -26.32
N TYR B 113 6.23 -10.24 -26.68
CA TYR B 113 5.15 -10.73 -25.83
C TYR B 113 5.18 -12.26 -25.62
N ALA B 114 5.59 -13.05 -26.63
CA ALA B 114 5.70 -14.50 -26.45
C ALA B 114 6.60 -14.83 -25.26
N ASP B 115 7.71 -14.09 -25.06
CA ASP B 115 8.63 -14.30 -23.93
C ASP B 115 8.01 -13.87 -22.62
N VAL B 116 7.37 -12.69 -22.60
CA VAL B 116 6.71 -12.16 -21.40
C VAL B 116 5.60 -13.14 -20.98
N SER B 117 4.78 -13.60 -21.94
CA SER B 117 3.67 -14.53 -21.70
C SER B 117 4.19 -15.84 -21.11
N LYS B 118 5.32 -16.38 -21.64
CA LYS B 118 5.91 -17.58 -21.09
C LYS B 118 6.30 -17.37 -19.61
N GLY B 119 6.96 -16.25 -19.31
CA GLY B 119 7.37 -15.91 -17.96
C GLY B 119 6.22 -15.72 -16.98
N ILE B 120 5.11 -15.13 -17.45
CA ILE B 120 3.89 -14.93 -16.63
C ILE B 120 3.18 -16.26 -16.40
N HIS B 121 3.20 -17.15 -17.41
CA HIS B 121 2.59 -18.48 -17.30
C HIS B 121 3.25 -19.26 -16.15
N ILE B 122 4.59 -19.34 -16.21
CA ILE B 122 5.39 -20.08 -15.26
C ILE B 122 5.43 -19.43 -13.89
N SER B 123 5.57 -18.11 -13.84
CA SER B 123 5.78 -17.38 -12.57
C SER B 123 4.54 -16.96 -11.82
N ALA B 124 3.40 -16.78 -12.51
CA ALA B 124 2.20 -16.26 -11.87
C ALA B 124 0.98 -17.19 -12.04
N TYR B 125 0.58 -17.47 -13.29
CA TYR B 125 -0.59 -18.34 -13.58
C TYR B 125 -0.43 -19.72 -12.96
N SER B 126 0.81 -20.31 -13.00
CA SER B 126 1.06 -21.64 -12.44
C SER B 126 0.75 -21.78 -10.95
N TYR B 127 0.73 -20.66 -10.23
CA TYR B 127 0.38 -20.68 -8.81
C TYR B 127 -1.11 -21.09 -8.68
N ALA B 128 -1.99 -20.59 -9.59
CA ALA B 128 -3.40 -20.97 -9.62
C ALA B 128 -3.53 -22.41 -10.12
N SER B 129 -2.74 -22.80 -11.15
CA SER B 129 -2.72 -24.16 -11.72
C SER B 129 -2.42 -25.20 -10.66
N MET B 130 -1.35 -24.98 -9.88
CA MET B 130 -0.94 -25.92 -8.83
C MET B 130 -1.97 -26.01 -7.72
N ALA B 131 -2.59 -24.87 -7.32
CA ALA B 131 -3.63 -24.87 -6.29
C ALA B 131 -4.87 -25.61 -6.77
N LYS B 132 -5.24 -25.42 -8.06
CA LYS B 132 -6.39 -26.11 -8.66
C LYS B 132 -6.17 -27.63 -8.63
N ALA B 133 -4.98 -28.08 -9.00
CA ALA B 133 -4.63 -29.51 -9.04
C ALA B 133 -4.54 -30.13 -7.65
N LEU B 134 -3.99 -29.40 -6.67
CA LEU B 134 -3.70 -29.95 -5.36
C LEU B 134 -4.72 -29.70 -4.26
N LEU B 135 -5.56 -28.63 -4.33
CA LEU B 135 -6.58 -28.40 -3.28
C LEU B 135 -7.47 -29.64 -3.04
N PRO B 136 -7.95 -30.40 -4.10
CA PRO B 136 -8.78 -31.59 -3.83
C PRO B 136 -8.08 -32.67 -2.98
N ILE B 137 -6.74 -32.64 -2.87
CA ILE B 137 -6.01 -33.60 -2.05
C ILE B 137 -5.27 -32.91 -0.87
N MET B 138 -5.84 -31.81 -0.37
CA MET B 138 -5.26 -31.13 0.78
C MET B 138 -6.19 -31.21 2.00
N ASN B 139 -5.58 -31.35 3.17
CA ASN B 139 -6.30 -31.41 4.44
C ASN B 139 -6.73 -30.05 4.96
N PRO B 140 -7.83 -29.94 5.76
CA PRO B 140 -8.14 -28.64 6.37
C PRO B 140 -6.99 -28.22 7.29
N GLY B 141 -6.75 -26.93 7.39
CA GLY B 141 -5.65 -26.40 8.18
C GLY B 141 -4.38 -26.37 7.34
N GLY B 142 -4.49 -26.83 6.09
CA GLY B 142 -3.40 -26.86 5.12
C GLY B 142 -2.90 -25.49 4.71
N SER B 143 -1.74 -25.46 4.04
CA SER B 143 -1.10 -24.20 3.65
C SER B 143 -0.41 -24.25 2.29
N ILE B 144 -0.72 -23.27 1.43
CA ILE B 144 -0.07 -23.11 0.11
C ILE B 144 0.81 -21.87 0.24
N VAL B 145 2.08 -22.01 -0.13
CA VAL B 145 3.03 -20.90 -0.04
C VAL B 145 3.73 -20.74 -1.39
N GLY B 146 3.78 -19.49 -1.86
CA GLY B 146 4.50 -19.12 -3.07
C GLY B 146 5.65 -18.17 -2.75
N MET B 147 6.60 -18.04 -3.69
CA MET B 147 7.77 -17.18 -3.50
C MET B 147 7.63 -15.92 -4.31
N ASP B 148 7.82 -14.78 -3.64
CA ASP B 148 7.66 -13.47 -4.24
C ASP B 148 8.91 -12.60 -4.04
N PHE B 149 9.00 -11.50 -4.78
N PHE B 149 9.02 -11.49 -4.81
CA PHE B 149 9.96 -10.44 -4.61
CA PHE B 149 10.04 -10.43 -4.69
C PHE B 149 9.13 -9.19 -4.81
C PHE B 149 9.23 -9.15 -4.87
N ASP B 150 9.13 -8.31 -3.81
CA ASP B 150 8.31 -7.10 -3.76
C ASP B 150 8.31 -6.27 -5.06
N PRO B 151 7.14 -6.27 -5.78
CA PRO B 151 7.04 -5.56 -7.04
C PRO B 151 6.27 -4.23 -6.96
N SER B 152 5.99 -3.71 -5.71
CA SER B 152 5.23 -2.48 -5.46
CA SER B 152 5.22 -2.48 -5.50
C SER B 152 5.84 -1.25 -6.15
N ARG B 153 7.15 -1.29 -6.39
CA ARG B 153 7.90 -0.21 -7.00
C ARG B 153 8.74 -0.78 -8.12
N ALA B 154 8.93 0.01 -9.20
CA ALA B 154 9.74 -0.46 -10.31
C ALA B 154 11.22 -0.41 -9.89
N MET B 155 12.05 -1.19 -10.60
CA MET B 155 13.47 -1.28 -10.28
C MET B 155 14.28 -1.57 -11.52
N PRO B 156 15.58 -1.25 -11.56
CA PRO B 156 16.35 -1.58 -12.77
C PRO B 156 16.46 -3.09 -12.95
N ALA B 157 16.63 -3.53 -14.20
CA ALA B 157 16.89 -4.89 -14.67
C ALA B 157 15.78 -5.94 -14.47
N TYR B 158 15.13 -5.99 -13.30
N TYR B 158 15.12 -5.98 -13.28
CA TYR B 158 14.10 -7.00 -13.00
CA TYR B 158 14.09 -6.99 -12.99
C TYR B 158 12.95 -6.95 -14.00
C TYR B 158 12.96 -6.96 -14.02
N ASN B 159 12.64 -5.74 -14.52
CA ASN B 159 11.71 -5.45 -15.62
C ASN B 159 10.44 -6.29 -15.67
N TRP B 160 10.30 -7.19 -16.66
CA TRP B 160 9.09 -7.99 -16.84
C TRP B 160 8.90 -9.04 -15.75
N MET B 161 9.98 -9.42 -15.02
CA MET B 161 9.82 -10.36 -13.89
C MET B 161 9.06 -9.63 -12.79
N THR B 162 9.32 -8.33 -12.60
CA THR B 162 8.56 -7.53 -11.64
C THR B 162 7.05 -7.56 -11.96
N VAL B 163 6.71 -7.42 -13.27
CA VAL B 163 5.33 -7.43 -13.77
C VAL B 163 4.70 -8.79 -13.42
N ALA B 164 5.47 -9.90 -13.66
CA ALA B 164 5.02 -11.25 -13.33
C ALA B 164 4.78 -11.42 -11.81
N LYS B 165 5.63 -10.81 -10.94
CA LYS B 165 5.43 -10.86 -9.48
C LYS B 165 4.19 -10.06 -9.08
N SER B 166 3.94 -8.93 -9.74
CA SER B 166 2.73 -8.14 -9.48
C SER B 166 1.48 -8.98 -9.80
N ALA B 167 1.53 -9.76 -10.90
CA ALA B 167 0.46 -10.66 -11.31
C ALA B 167 0.30 -11.78 -10.28
N LEU B 168 1.43 -12.34 -9.80
CA LEU B 168 1.43 -13.40 -8.80
C LEU B 168 0.72 -12.99 -7.51
N GLU B 169 1.01 -11.79 -7.02
CA GLU B 169 0.39 -11.28 -5.81
C GLU B 169 -1.11 -11.20 -5.97
N SER B 170 -1.56 -10.78 -7.15
CA SER B 170 -3.00 -10.70 -7.46
C SER B 170 -3.59 -12.14 -7.53
N VAL B 171 -2.90 -13.07 -8.20
CA VAL B 171 -3.31 -14.48 -8.30
C VAL B 171 -3.48 -15.07 -6.90
N ASN B 172 -2.49 -14.82 -5.99
CA ASN B 172 -2.50 -15.31 -4.62
C ASN B 172 -3.79 -14.93 -3.86
N ARG B 173 -4.25 -13.69 -4.03
CA ARG B 173 -5.49 -13.22 -3.39
C ARG B 173 -6.73 -13.97 -3.87
N PHE B 174 -6.76 -14.40 -5.16
CA PHE B 174 -7.87 -15.17 -5.70
C PHE B 174 -7.74 -16.63 -5.31
N VAL B 175 -6.49 -17.15 -5.28
CA VAL B 175 -6.24 -18.53 -4.85
C VAL B 175 -6.73 -18.71 -3.40
N ALA B 176 -6.52 -17.68 -2.54
CA ALA B 176 -6.98 -17.70 -1.15
C ALA B 176 -8.49 -17.89 -1.04
N ARG B 177 -9.27 -17.24 -1.94
CA ARG B 177 -10.74 -17.38 -1.99
C ARG B 177 -11.11 -18.83 -2.23
N GLU B 178 -10.46 -19.48 -3.22
CA GLU B 178 -10.70 -20.89 -3.54
C GLU B 178 -10.24 -21.83 -2.43
N ALA B 179 -9.02 -21.60 -1.92
CA ALA B 179 -8.40 -22.41 -0.87
C ALA B 179 -9.21 -22.42 0.45
N GLY B 180 -9.79 -21.28 0.81
CA GLY B 180 -10.61 -21.13 2.00
C GLY B 180 -11.77 -22.10 2.12
N LYS B 181 -12.30 -22.56 0.96
CA LYS B 181 -13.41 -23.53 0.85
C LYS B 181 -13.00 -24.91 1.36
N TYR B 182 -11.70 -25.20 1.35
CA TYR B 182 -11.08 -26.45 1.82
C TYR B 182 -10.43 -26.27 3.21
N GLY B 183 -10.58 -25.09 3.80
CA GLY B 183 -9.96 -24.74 5.07
C GLY B 183 -8.46 -24.56 4.93
N VAL B 184 -8.00 -24.17 3.73
CA VAL B 184 -6.59 -24.03 3.38
C VAL B 184 -6.20 -22.56 3.18
N ARG B 185 -5.01 -22.18 3.68
CA ARG B 185 -4.48 -20.82 3.52
C ARG B 185 -3.58 -20.77 2.29
N SER B 186 -3.46 -19.57 1.70
CA SER B 186 -2.60 -19.30 0.55
C SER B 186 -1.87 -17.99 0.82
N ASN B 187 -0.54 -18.00 0.83
CA ASN B 187 0.24 -16.80 1.10
C ASN B 187 1.51 -16.81 0.32
N LEU B 188 2.14 -15.64 0.19
CA LEU B 188 3.45 -15.53 -0.45
C LEU B 188 4.50 -15.11 0.55
N VAL B 189 5.75 -15.52 0.30
CA VAL B 189 6.89 -15.03 1.08
C VAL B 189 7.67 -14.13 0.12
N ALA B 190 7.74 -12.83 0.43
CA ALA B 190 8.52 -11.89 -0.36
C ALA B 190 9.93 -11.85 0.23
N ALA B 191 10.89 -12.44 -0.48
CA ALA B 191 12.26 -12.51 0.03
C ALA B 191 13.09 -11.34 -0.43
N GLY B 192 14.16 -11.05 0.30
CA GLY B 192 15.15 -10.09 -0.13
C GLY B 192 16.01 -10.73 -1.21
N PRO B 193 16.99 -10.03 -1.82
CA PRO B 193 17.80 -10.68 -2.88
C PRO B 193 18.67 -11.82 -2.37
N ILE B 194 18.71 -12.93 -3.12
CA ILE B 194 19.47 -14.12 -2.79
C ILE B 194 20.39 -14.45 -3.95
N ARG B 195 21.70 -14.54 -3.67
CA ARG B 195 22.74 -14.91 -4.64
C ARG B 195 22.66 -16.43 -4.81
N THR B 196 21.80 -16.88 -5.77
CA THR B 196 21.60 -18.29 -6.12
C THR B 196 22.57 -18.68 -7.24
N GLU B 210 26.00 -1.84 -17.30
CA GLU B 210 25.09 -0.84 -16.77
C GLU B 210 24.04 -1.45 -15.82
N ALA B 211 23.38 -2.55 -16.28
CA ALA B 211 22.39 -3.28 -15.51
C ALA B 211 23.06 -3.95 -14.32
N GLY B 212 24.26 -4.52 -14.55
CA GLY B 212 25.08 -5.17 -13.54
C GLY B 212 25.39 -4.26 -12.36
N ALA B 213 25.72 -2.98 -12.64
CA ALA B 213 26.04 -1.96 -11.64
C ALA B 213 24.78 -1.54 -10.87
N GLN B 214 23.65 -1.39 -11.59
CA GLN B 214 22.35 -1.03 -11.02
C GLN B 214 21.83 -2.14 -10.08
N ILE B 215 22.02 -3.42 -10.49
CA ILE B 215 21.64 -4.61 -9.71
C ILE B 215 22.52 -4.75 -8.48
N GLN B 216 23.83 -4.44 -8.60
CA GLN B 216 24.78 -4.48 -7.48
C GLN B 216 24.38 -3.42 -6.42
N LEU B 217 24.04 -2.19 -6.86
CA LEU B 217 23.60 -1.10 -5.99
C LEU B 217 22.26 -1.45 -5.30
N LEU B 218 21.37 -2.17 -6.00
CA LEU B 218 20.07 -2.64 -5.49
C LEU B 218 20.31 -3.60 -4.32
N GLU B 219 21.24 -4.56 -4.51
CA GLU B 219 21.60 -5.57 -3.51
C GLU B 219 22.34 -4.98 -2.29
N GLU B 220 23.29 -4.04 -2.50
CA GLU B 220 24.02 -3.39 -1.39
C GLU B 220 23.09 -2.50 -0.52
N GLY B 221 22.15 -1.84 -1.21
CA GLY B 221 21.15 -0.97 -0.60
C GLY B 221 20.22 -1.70 0.34
N TRP B 222 19.98 -3.00 0.07
CA TRP B 222 19.15 -3.88 0.89
C TRP B 222 19.70 -4.06 2.29
N ASP B 223 20.97 -4.48 2.41
CA ASP B 223 21.62 -4.68 3.70
C ASP B 223 21.71 -3.38 4.50
N GLN B 224 21.91 -2.23 3.82
CA GLN B 224 21.97 -0.95 4.57
C GLN B 224 20.58 -0.50 5.07
N ARG B 225 19.50 -0.71 4.27
CA ARG B 225 18.12 -0.36 4.66
C ARG B 225 17.52 -1.32 5.67
N ALA B 226 17.88 -2.60 5.60
CA ALA B 226 17.34 -3.62 6.49
C ALA B 226 17.76 -3.34 7.94
N PRO B 227 16.83 -2.99 8.89
CA PRO B 227 17.27 -2.71 10.28
C PRO B 227 18.04 -3.86 10.95
N ILE B 228 17.75 -5.12 10.56
CA ILE B 228 18.45 -6.29 11.10
C ILE B 228 19.50 -6.84 10.12
N GLY B 229 19.77 -6.09 9.06
CA GLY B 229 20.74 -6.49 8.03
C GLY B 229 20.15 -7.52 7.08
N TRP B 230 20.87 -7.81 6.01
CA TRP B 230 20.45 -8.80 5.03
C TRP B 230 21.66 -9.51 4.47
N ASN B 231 21.68 -10.84 4.55
CA ASN B 231 22.78 -11.65 4.01
C ASN B 231 22.25 -12.33 2.75
N MET B 232 22.61 -11.81 1.57
CA MET B 232 22.13 -12.35 0.30
C MET B 232 22.69 -13.77 -0.01
N LYS B 233 23.70 -14.23 0.73
CA LYS B 233 24.28 -15.57 0.56
C LYS B 233 23.58 -16.62 1.43
N ASP B 234 22.64 -16.18 2.28
CA ASP B 234 21.97 -17.07 3.22
C ASP B 234 20.46 -17.17 2.96
N ALA B 235 19.98 -18.32 2.42
CA ALA B 235 18.55 -18.54 2.15
C ALA B 235 17.78 -19.07 3.36
N THR B 236 18.49 -19.51 4.44
CA THR B 236 17.89 -20.11 5.64
C THR B 236 16.79 -19.22 6.26
N PRO B 237 16.98 -17.88 6.50
CA PRO B 237 15.88 -17.08 7.08
C PRO B 237 14.59 -17.08 6.26
N VAL B 238 14.72 -17.19 4.93
CA VAL B 238 13.60 -17.28 3.98
C VAL B 238 12.92 -18.66 4.12
N ALA B 239 13.71 -19.74 4.14
CA ALA B 239 13.24 -21.12 4.30
C ALA B 239 12.46 -21.28 5.62
N LYS B 240 12.97 -20.69 6.73
CA LYS B 240 12.32 -20.73 8.04
C LYS B 240 10.97 -20.03 7.97
N THR B 241 10.91 -18.88 7.28
CA THR B 241 9.68 -18.09 7.10
C THR B 241 8.61 -18.91 6.37
N VAL B 242 9.02 -19.62 5.32
CA VAL B 242 8.08 -20.49 4.56
C VAL B 242 7.56 -21.59 5.51
N CYS B 243 8.47 -22.20 6.31
CA CYS B 243 8.06 -23.22 7.28
C CYS B 243 7.11 -22.69 8.35
N ALA B 244 7.29 -21.41 8.77
CA ALA B 244 6.37 -20.78 9.73
C ALA B 244 4.95 -20.72 9.13
N LEU B 245 4.84 -20.42 7.82
CA LEU B 245 3.54 -20.38 7.12
C LEU B 245 2.96 -21.77 6.88
N LEU B 246 3.82 -22.79 6.73
CA LEU B 246 3.38 -24.16 6.54
C LEU B 246 2.92 -24.76 7.88
N SER B 247 3.32 -24.17 9.02
CA SER B 247 2.96 -24.64 10.37
C SER B 247 1.54 -24.21 10.75
N ASP B 248 1.12 -24.52 11.98
CA ASP B 248 -0.21 -24.13 12.49
C ASP B 248 -0.10 -22.81 13.27
N TRP B 249 1.03 -22.10 13.20
CA TRP B 249 1.28 -20.90 14.01
C TRP B 249 0.84 -19.58 13.39
N LEU B 250 0.38 -19.58 12.12
CA LEU B 250 -0.19 -18.36 11.48
C LEU B 250 -1.56 -18.80 10.88
N PRO B 251 -2.49 -19.25 11.76
CA PRO B 251 -3.74 -19.83 11.24
C PRO B 251 -4.78 -18.85 10.72
N ALA B 252 -4.59 -17.54 10.95
CA ALA B 252 -5.57 -16.53 10.52
C ALA B 252 -5.02 -15.63 9.41
N THR B 253 -3.97 -16.09 8.71
CA THR B 253 -3.32 -15.32 7.66
C THR B 253 -3.53 -16.03 6.35
N THR B 254 -4.15 -15.32 5.36
CA THR B 254 -4.40 -15.86 4.01
C THR B 254 -4.54 -14.73 2.99
N GLY B 255 -4.25 -15.04 1.72
CA GLY B 255 -4.26 -14.10 0.60
C GLY B 255 -3.23 -13.01 0.79
N ASP B 256 -2.24 -13.28 1.65
CA ASP B 256 -1.29 -12.30 2.14
C ASP B 256 0.15 -12.51 1.74
N ILE B 257 0.99 -11.54 2.11
CA ILE B 257 2.42 -11.52 1.83
C ILE B 257 3.19 -11.29 3.13
N ILE B 258 4.15 -12.19 3.42
CA ILE B 258 5.03 -12.09 4.57
C ILE B 258 6.40 -11.74 3.98
N TYR B 259 7.01 -10.68 4.47
CA TYR B 259 8.28 -10.18 3.96
C TYR B 259 9.45 -10.72 4.78
N ALA B 260 10.26 -11.59 4.16
CA ALA B 260 11.47 -12.12 4.79
C ALA B 260 12.60 -11.37 4.05
N ASP B 261 12.74 -10.06 4.33
CA ASP B 261 13.68 -9.20 3.60
C ASP B 261 14.57 -8.36 4.52
N GLY B 262 14.65 -8.74 5.79
CA GLY B 262 15.40 -8.00 6.80
C GLY B 262 14.71 -6.71 7.20
N GLY B 263 13.46 -6.52 6.76
CA GLY B 263 12.71 -5.29 6.99
C GLY B 263 13.08 -4.16 6.05
N ALA B 264 13.83 -4.46 4.94
CA ALA B 264 14.27 -3.43 3.99
C ALA B 264 13.11 -2.63 3.36
N HIS B 265 12.01 -3.31 3.03
CA HIS B 265 10.85 -2.66 2.39
C HIS B 265 10.13 -1.64 3.30
N THR B 266 10.46 -1.59 4.60
CA THR B 266 9.78 -0.70 5.56
C THR B 266 10.57 0.58 5.79
N GLN B 267 11.72 0.68 5.12
CA GLN B 267 12.69 1.77 5.30
C GLN B 267 13.01 2.44 3.99
N LEU B 268 13.01 3.78 3.96
CA LEU B 268 13.31 4.53 2.73
C LEU B 268 14.83 4.60 2.50
N LEU B 269 15.58 4.96 3.54
CA LEU B 269 17.04 5.07 3.60
C LEU B 269 17.48 4.58 4.99
N THR C 2 7.80 -30.30 23.76
CA THR C 2 8.62 -29.33 23.05
C THR C 2 7.77 -28.13 22.61
N GLY C 3 8.04 -27.00 23.22
CA GLY C 3 7.27 -25.80 22.92
C GLY C 3 7.98 -24.89 21.96
N LEU C 4 7.18 -24.08 21.24
CA LEU C 4 7.64 -23.08 20.30
C LEU C 4 8.53 -22.06 21.01
N LEU C 5 8.23 -21.70 22.27
CA LEU C 5 8.95 -20.65 23.03
C LEU C 5 9.74 -21.17 24.24
N ASP C 6 10.24 -22.40 24.10
CA ASP C 6 10.99 -23.05 25.15
C ASP C 6 12.24 -22.29 25.59
N GLY C 7 12.26 -21.94 26.87
CA GLY C 7 13.37 -21.22 27.50
C GLY C 7 13.37 -19.71 27.36
N LYS C 8 12.46 -19.17 26.54
CA LYS C 8 12.34 -17.74 26.27
C LYS C 8 11.71 -16.99 27.43
N ARG C 9 12.27 -15.80 27.76
CA ARG C 9 11.77 -14.92 28.81
C ARG C 9 11.03 -13.81 28.12
N ILE C 10 9.71 -13.75 28.33
CA ILE C 10 8.87 -12.79 27.61
C ILE C 10 8.04 -11.89 28.52
N LEU C 11 8.08 -10.59 28.27
CA LEU C 11 7.27 -9.62 28.99
C LEU C 11 5.94 -9.45 28.23
N VAL C 12 4.80 -9.58 28.94
CA VAL C 12 3.48 -9.40 28.32
C VAL C 12 2.72 -8.29 29.06
N SER C 13 2.41 -7.18 28.38
CA SER C 13 1.61 -6.07 28.94
C SER C 13 0.20 -6.16 28.41
N GLY C 14 -0.73 -5.45 29.06
CA GLY C 14 -2.11 -5.34 28.61
C GLY C 14 -3.18 -6.29 29.08
N ILE C 15 -2.93 -7.09 30.13
CA ILE C 15 -3.97 -7.98 30.65
C ILE C 15 -4.87 -7.11 31.55
N ILE C 16 -6.18 -7.13 31.29
CA ILE C 16 -7.18 -6.46 32.14
C ILE C 16 -8.25 -7.48 32.51
N THR C 17 -8.69 -8.30 31.53
CA THR C 17 -9.67 -9.37 31.75
C THR C 17 -9.16 -10.65 31.10
N ASP C 18 -9.88 -11.78 31.28
CA ASP C 18 -9.50 -13.04 30.65
C ASP C 18 -9.91 -13.06 29.16
N SER C 19 -10.59 -12.00 28.72
CA SER C 19 -10.96 -11.84 27.30
C SER C 19 -9.94 -10.92 26.57
N SER C 20 -8.99 -10.31 27.32
CA SER C 20 -7.93 -9.47 26.76
C SER C 20 -7.12 -10.32 25.79
N ILE C 21 -6.70 -9.73 24.64
CA ILE C 21 -5.86 -10.47 23.68
C ILE C 21 -4.53 -10.87 24.40
N ALA C 22 -4.02 -10.00 25.30
CA ALA C 22 -2.82 -10.19 26.12
C ALA C 22 -2.92 -11.42 26.96
N PHE C 23 -4.14 -11.73 27.49
CA PHE C 23 -4.37 -12.92 28.31
C PHE C 23 -4.15 -14.19 27.48
N HIS C 24 -4.71 -14.24 26.26
CA HIS C 24 -4.57 -15.39 25.35
C HIS C 24 -3.15 -15.49 24.82
N ILE C 25 -2.48 -14.36 24.58
CA ILE C 25 -1.07 -14.36 24.17
C ILE C 25 -0.27 -15.02 25.28
N ALA C 26 -0.47 -14.55 26.54
CA ALA C 26 0.23 -15.08 27.72
C ALA C 26 -0.03 -16.59 27.96
N ARG C 27 -1.28 -17.04 27.80
CA ARG C 27 -1.65 -18.46 27.98
C ARG C 27 -0.96 -19.35 26.94
N VAL C 28 -1.02 -18.95 25.67
CA VAL C 28 -0.40 -19.70 24.57
C VAL C 28 1.12 -19.75 24.76
N ALA C 29 1.77 -18.61 25.09
CA ALA C 29 3.23 -18.54 25.28
C ALA C 29 3.68 -19.44 26.43
N GLN C 30 2.90 -19.51 27.55
CA GLN C 30 3.18 -20.44 28.68
C GLN C 30 3.01 -21.89 28.23
N GLU C 31 1.95 -22.19 27.47
CA GLU C 31 1.69 -23.56 26.98
C GLU C 31 2.89 -24.02 26.13
N GLN C 32 3.54 -23.04 25.49
CA GLN C 32 4.67 -23.26 24.60
C GLN C 32 6.05 -23.11 25.28
N GLY C 33 6.09 -23.21 26.61
CA GLY C 33 7.33 -23.18 27.39
C GLY C 33 8.00 -21.84 27.68
N ALA C 34 7.33 -20.69 27.44
CA ALA C 34 7.94 -19.40 27.76
C ALA C 34 7.78 -19.09 29.24
N GLN C 35 8.75 -18.34 29.82
CA GLN C 35 8.71 -17.86 31.20
C GLN C 35 8.29 -16.39 31.08
N LEU C 36 7.18 -16.03 31.71
CA LEU C 36 6.62 -14.70 31.58
C LEU C 36 6.84 -13.75 32.73
N VAL C 37 6.83 -12.44 32.38
CA VAL C 37 6.81 -11.29 33.26
C VAL C 37 5.62 -10.50 32.74
N LEU C 38 4.65 -10.21 33.61
CA LEU C 38 3.45 -9.48 33.22
C LEU C 38 3.47 -8.07 33.73
N THR C 39 2.83 -7.15 33.01
CA THR C 39 2.69 -5.78 33.50
C THR C 39 1.22 -5.43 33.47
N GLY C 40 0.79 -4.63 34.41
CA GLY C 40 -0.59 -4.22 34.47
C GLY C 40 -0.73 -2.77 34.86
N PHE C 41 -1.87 -2.19 34.51
CA PHE C 41 -2.16 -0.80 34.76
C PHE C 41 -3.36 -0.60 35.69
N ASP C 42 -3.20 0.33 36.68
CA ASP C 42 -4.21 0.81 37.62
C ASP C 42 -4.85 -0.27 38.56
N ARG C 43 -5.71 -1.15 38.02
CA ARG C 43 -6.44 -2.16 38.78
C ARG C 43 -5.57 -3.42 39.01
N LEU C 44 -4.45 -3.25 39.72
CA LEU C 44 -3.45 -4.29 39.98
C LEU C 44 -3.97 -5.50 40.75
N ARG C 45 -4.78 -5.29 41.81
CA ARG C 45 -5.37 -6.40 42.56
C ARG C 45 -6.29 -7.21 41.64
N LEU C 46 -7.09 -6.50 40.81
CA LEU C 46 -7.97 -7.13 39.83
C LEU C 46 -7.13 -7.88 38.74
N ILE C 47 -6.00 -7.30 38.30
CA ILE C 47 -5.15 -7.93 37.27
C ILE C 47 -4.52 -9.23 37.84
N GLN C 48 -3.98 -9.19 39.08
CA GLN C 48 -3.37 -10.35 39.77
C GLN C 48 -4.32 -11.58 39.79
N ARG C 49 -5.60 -11.37 40.14
CA ARG C 49 -6.70 -12.33 40.19
C ARG C 49 -6.86 -13.00 38.81
N ILE C 50 -6.85 -12.17 37.72
CA ILE C 50 -6.98 -12.60 36.33
C ILE C 50 -5.76 -13.42 35.93
N THR C 51 -4.56 -13.00 36.38
CA THR C 51 -3.32 -13.71 36.02
C THR C 51 -3.22 -15.05 36.73
N ASP C 52 -3.97 -15.26 37.85
CA ASP C 52 -4.03 -16.56 38.54
C ASP C 52 -4.71 -17.61 37.65
N ARG C 53 -5.50 -17.17 36.65
CA ARG C 53 -6.19 -18.06 35.70
C ARG C 53 -5.22 -18.66 34.67
N LEU C 54 -4.01 -18.10 34.56
CA LEU C 54 -3.02 -18.55 33.60
C LEU C 54 -2.44 -19.90 33.98
N PRO C 55 -1.95 -20.72 33.00
CA PRO C 55 -1.38 -22.04 33.36
C PRO C 55 -0.28 -22.03 34.44
N ALA C 56 0.64 -21.05 34.40
CA ALA C 56 1.74 -20.95 35.37
C ALA C 56 1.82 -19.59 36.01
N LYS C 57 2.41 -19.54 37.21
CA LYS C 57 2.59 -18.32 37.99
C LYS C 57 3.64 -17.45 37.31
N ALA C 58 3.37 -16.16 37.23
CA ALA C 58 4.29 -15.19 36.62
C ALA C 58 4.27 -13.92 37.44
N PRO C 59 5.43 -13.28 37.68
CA PRO C 59 5.41 -12.01 38.43
C PRO C 59 4.67 -10.90 37.67
N LEU C 60 3.89 -10.07 38.38
CA LEU C 60 3.13 -8.97 37.83
C LEU C 60 3.74 -7.66 38.30
N LEU C 61 4.12 -6.80 37.35
CA LEU C 61 4.72 -5.50 37.63
C LEU C 61 3.78 -4.40 37.22
N GLU C 62 3.78 -3.30 37.99
CA GLU C 62 2.95 -2.15 37.63
C GLU C 62 3.59 -1.35 36.54
N LEU C 63 2.81 -0.98 35.53
CA LEU C 63 3.29 -0.11 34.47
C LEU C 63 2.17 0.74 33.90
N ASP C 64 2.24 2.04 34.20
CA ASP C 64 1.39 3.06 33.59
C ASP C 64 2.34 3.70 32.58
N VAL C 65 2.05 3.49 31.28
CA VAL C 65 2.89 3.99 30.19
C VAL C 65 2.93 5.53 30.11
N GLN C 66 1.98 6.22 30.75
CA GLN C 66 1.96 7.68 30.86
C GLN C 66 2.82 8.17 32.03
N ASN C 67 3.31 7.24 32.86
CA ASN C 67 4.14 7.54 34.01
C ASN C 67 5.62 7.31 33.66
N GLU C 68 6.39 8.41 33.57
CA GLU C 68 7.81 8.41 33.25
C GLU C 68 8.68 7.73 34.30
N GLU C 69 8.24 7.74 35.57
CA GLU C 69 8.96 7.09 36.67
C GLU C 69 8.81 5.57 36.55
N HIS C 70 7.60 5.09 36.21
CA HIS C 70 7.34 3.66 35.96
C HIS C 70 8.24 3.15 34.83
N LEU C 71 8.42 3.98 33.76
CA LEU C 71 9.25 3.61 32.61
C LEU C 71 10.76 3.59 32.93
N ALA C 72 11.22 4.59 33.70
CA ALA C 72 12.64 4.71 34.12
C ALA C 72 13.07 3.57 35.06
N SER C 73 12.13 3.01 35.85
CA SER C 73 12.41 1.91 36.80
C SER C 73 12.12 0.53 36.24
N LEU C 74 11.35 0.44 35.13
CA LEU C 74 10.91 -0.81 34.50
C LEU C 74 12.01 -1.84 34.29
N ALA C 75 13.13 -1.52 33.58
CA ALA C 75 14.20 -2.50 33.32
C ALA C 75 14.75 -3.13 34.63
N GLY C 76 14.99 -2.28 35.65
CA GLY C 76 15.47 -2.70 36.96
C GLY C 76 14.49 -3.64 37.64
N ARG C 77 13.19 -3.32 37.56
CA ARG C 77 12.11 -4.14 38.13
C ARG C 77 11.95 -5.48 37.39
N VAL C 78 12.13 -5.47 36.06
CA VAL C 78 12.06 -6.70 35.24
C VAL C 78 13.27 -7.58 35.61
N THR C 79 14.48 -6.99 35.70
CA THR C 79 15.72 -7.70 36.05
C THR C 79 15.59 -8.39 37.43
N GLU C 80 14.94 -7.73 38.41
CA GLU C 80 14.66 -8.30 39.74
C GLU C 80 13.75 -9.54 39.60
N ALA C 81 12.71 -9.45 38.74
CA ALA C 81 11.76 -10.52 38.50
C ALA C 81 12.36 -11.74 37.75
N ILE C 82 13.26 -11.49 36.78
CA ILE C 82 13.84 -12.59 35.98
C ILE C 82 15.20 -13.05 36.49
N GLY C 83 15.79 -12.28 37.39
CA GLY C 83 17.09 -12.60 37.99
C GLY C 83 18.22 -11.88 37.28
N ALA C 84 19.17 -11.34 38.08
CA ALA C 84 20.34 -10.61 37.58
C ALA C 84 21.15 -11.50 36.61
N GLY C 85 21.60 -10.92 35.52
CA GLY C 85 22.34 -11.66 34.50
C GLY C 85 21.45 -12.20 33.39
N ASN C 86 20.11 -12.21 33.59
CA ASN C 86 19.16 -12.68 32.58
C ASN C 86 18.54 -11.50 31.84
N LYS C 87 18.19 -11.74 30.57
CA LYS C 87 17.56 -10.73 29.73
C LYS C 87 16.30 -11.29 29.09
N LEU C 88 15.46 -10.39 28.57
CA LEU C 88 14.24 -10.75 27.88
C LEU C 88 14.53 -11.12 26.44
N ASP C 89 13.79 -12.08 25.92
CA ASP C 89 13.85 -12.50 24.52
C ASP C 89 12.62 -11.95 23.79
N GLY C 90 11.61 -11.54 24.54
CA GLY C 90 10.39 -11.06 23.94
C GLY C 90 9.67 -10.00 24.75
N VAL C 91 9.02 -9.07 24.04
CA VAL C 91 8.24 -7.99 24.63
C VAL C 91 6.93 -7.92 23.83
N VAL C 92 5.79 -7.95 24.54
CA VAL C 92 4.47 -7.86 23.91
C VAL C 92 3.80 -6.59 24.41
N HIS C 93 3.52 -5.66 23.48
CA HIS C 93 2.80 -4.43 23.78
C HIS C 93 1.36 -4.74 23.39
N SER C 94 0.46 -4.80 24.35
CA SER C 94 -0.94 -5.09 24.04
C SER C 94 -1.79 -4.07 24.79
N ILE C 95 -1.48 -2.80 24.52
CA ILE C 95 -2.08 -1.64 25.21
C ILE C 95 -2.74 -0.72 24.17
N GLY C 96 -3.99 -0.37 24.43
CA GLY C 96 -4.74 0.54 23.57
C GLY C 96 -5.80 1.25 24.37
N PHE C 97 -5.94 2.54 24.14
CA PHE C 97 -6.97 3.34 24.81
C PHE C 97 -7.30 4.59 24.01
N MET C 98 -8.59 4.93 23.99
CA MET C 98 -9.08 6.15 23.39
C MET C 98 -10.35 6.54 24.16
N PRO C 99 -10.42 7.76 24.74
CA PRO C 99 -11.66 8.18 25.43
C PRO C 99 -12.86 8.14 24.50
N GLN C 100 -14.06 8.00 25.08
CA GLN C 100 -15.33 7.88 24.38
C GLN C 100 -15.62 9.02 23.39
N THR C 101 -15.06 10.22 23.65
CA THR C 101 -15.18 11.41 22.77
C THR C 101 -14.49 11.17 21.41
N GLY C 102 -13.49 10.29 21.37
CA GLY C 102 -12.71 10.00 20.17
C GLY C 102 -13.04 8.66 19.52
N MET C 103 -13.94 7.87 20.14
CA MET C 103 -14.30 6.53 19.71
C MET C 103 -15.76 6.21 20.00
N GLY C 104 -16.50 5.83 18.97
CA GLY C 104 -17.89 5.39 19.12
C GLY C 104 -18.92 6.18 18.36
N ILE C 105 -19.97 6.62 19.08
CA ILE C 105 -21.09 7.38 18.56
C ILE C 105 -20.76 8.87 18.38
N ASN C 106 -19.84 9.40 19.21
CA ASN C 106 -19.45 10.83 19.21
C ASN C 106 -18.93 11.28 17.83
N PRO C 107 -19.42 12.42 17.29
CA PRO C 107 -18.92 12.88 15.99
C PRO C 107 -17.40 13.04 15.99
N PHE C 108 -16.74 12.67 14.88
CA PHE C 108 -15.28 12.74 14.72
C PHE C 108 -14.75 14.15 15.09
N PHE C 109 -15.47 15.20 14.67
CA PHE C 109 -15.13 16.60 14.91
C PHE C 109 -15.29 17.08 16.36
N ASP C 110 -16.00 16.31 17.21
CA ASP C 110 -16.24 16.70 18.61
C ASP C 110 -15.23 16.14 19.63
N ALA C 111 -14.15 15.50 19.17
CA ALA C 111 -13.16 14.98 20.11
C ALA C 111 -12.20 16.10 20.51
N PRO C 112 -12.11 16.50 21.80
CA PRO C 112 -11.12 17.53 22.18
C PRO C 112 -9.70 16.98 22.02
N TYR C 113 -8.71 17.86 21.74
CA TYR C 113 -7.34 17.37 21.53
C TYR C 113 -6.74 16.71 22.79
N ALA C 114 -7.06 17.20 23.99
CA ALA C 114 -6.57 16.56 25.22
C ALA C 114 -6.92 15.05 25.22
N ASP C 115 -8.12 14.69 24.75
CA ASP C 115 -8.57 13.29 24.70
C ASP C 115 -7.84 12.50 23.64
N VAL C 116 -7.70 13.10 22.44
CA VAL C 116 -7.01 12.46 21.32
C VAL C 116 -5.55 12.23 21.71
N SER C 117 -4.91 13.26 22.31
CA SER C 117 -3.51 13.19 22.76
C SER C 117 -3.31 12.08 23.76
N LYS C 118 -4.26 11.92 24.73
CA LYS C 118 -4.18 10.86 25.72
C LYS C 118 -4.21 9.49 25.04
N GLY C 119 -5.15 9.31 24.10
CA GLY C 119 -5.29 8.07 23.33
C GLY C 119 -4.06 7.73 22.48
N ILE C 120 -3.44 8.75 21.86
CA ILE C 120 -2.23 8.57 21.04
C ILE C 120 -1.03 8.24 21.95
N HIS C 121 -0.96 8.88 23.13
CA HIS C 121 0.12 8.63 24.10
C HIS C 121 0.15 7.12 24.47
N ILE C 122 -1.00 6.62 24.91
CA ILE C 122 -1.18 5.26 25.36
C ILE C 122 -1.11 4.23 24.22
N SER C 123 -1.73 4.54 23.09
CA SER C 123 -1.88 3.58 21.99
C SER C 123 -0.75 3.53 20.97
N ALA C 124 0.01 4.62 20.82
CA ALA C 124 1.05 4.69 19.81
C ALA C 124 2.43 5.03 20.36
N TYR C 125 2.57 6.21 21.02
CA TYR C 125 3.85 6.67 21.60
C TYR C 125 4.42 5.65 22.59
N SER C 126 3.55 5.02 23.41
CA SER C 126 3.99 4.06 24.43
C SER C 126 4.73 2.83 23.86
N TYR C 127 4.52 2.55 22.56
CA TYR C 127 5.23 1.43 21.92
C TYR C 127 6.72 1.79 21.85
N ALA C 128 7.04 3.08 21.54
CA ALA C 128 8.43 3.57 21.53
C ALA C 128 8.97 3.66 22.98
N SER C 129 8.14 4.11 23.94
CA SER C 129 8.50 4.19 25.38
C SER C 129 8.92 2.84 25.92
N MET C 130 8.13 1.80 25.66
CA MET C 130 8.41 0.46 26.16
C MET C 130 9.67 -0.11 25.52
N ALA C 131 9.88 0.13 24.20
CA ALA C 131 11.08 -0.35 23.49
C ALA C 131 12.32 0.34 24.02
N LYS C 132 12.23 1.66 24.32
CA LYS C 132 13.34 2.43 24.90
C LYS C 132 13.73 1.85 26.26
N ALA C 133 12.74 1.56 27.12
CA ALA C 133 12.98 1.03 28.47
C ALA C 133 13.52 -0.40 28.44
N LEU C 134 13.04 -1.24 27.48
CA LEU C 134 13.35 -2.66 27.50
C LEU C 134 14.46 -3.15 26.55
N LEU C 135 14.77 -2.48 25.42
CA LEU C 135 15.87 -2.94 24.56
C LEU C 135 17.21 -3.07 25.30
N PRO C 136 17.62 -2.19 26.27
CA PRO C 136 18.88 -2.44 27.00
C PRO C 136 18.91 -3.76 27.78
N ILE C 137 17.75 -4.39 28.04
CA ILE C 137 17.69 -5.67 28.76
C ILE C 137 17.10 -6.77 27.83
N MET C 138 17.30 -6.62 26.50
CA MET C 138 16.87 -7.62 25.52
C MET C 138 18.05 -8.37 24.89
N ASN C 139 17.88 -9.68 24.66
CA ASN C 139 18.91 -10.52 24.03
C ASN C 139 18.90 -10.41 22.51
N PRO C 140 20.05 -10.59 21.82
CA PRO C 140 20.02 -10.66 20.33
C PRO C 140 19.11 -11.81 19.88
N GLY C 141 18.42 -11.62 18.77
CA GLY C 141 17.44 -12.60 18.28
C GLY C 141 16.08 -12.35 18.89
N GLY C 142 16.00 -11.36 19.78
CA GLY C 142 14.79 -10.97 20.50
C GLY C 142 13.69 -10.45 19.60
N SER C 143 12.48 -10.29 20.15
CA SER C 143 11.31 -9.86 19.38
C SER C 143 10.35 -8.97 20.18
N ILE C 144 10.00 -7.80 19.62
CA ILE C 144 9.02 -6.87 20.19
C ILE C 144 7.78 -6.98 19.28
N VAL C 145 6.61 -7.20 19.88
CA VAL C 145 5.36 -7.33 19.11
C VAL C 145 4.32 -6.38 19.71
N GLY C 146 3.66 -5.62 18.85
CA GLY C 146 2.56 -4.74 19.22
C GLY C 146 1.27 -5.17 18.55
N MET C 147 0.13 -4.71 19.08
CA MET C 147 -1.21 -5.07 18.56
C MET C 147 -1.78 -3.92 17.76
N ASP C 148 -2.22 -4.24 16.56
CA ASP C 148 -2.73 -3.27 15.62
C ASP C 148 -4.10 -3.68 15.12
N PHE C 149 -4.80 -2.72 14.45
N PHE C 149 -4.75 -2.74 14.48
CA PHE C 149 -6.10 -2.91 13.77
CA PHE C 149 -5.94 -2.96 13.68
C PHE C 149 -6.02 -2.03 12.51
C PHE C 149 -5.68 -2.10 12.47
N ASP C 150 -5.90 -2.68 11.31
CA ASP C 150 -5.67 -2.04 10.00
C ASP C 150 -6.36 -0.66 9.83
N PRO C 151 -5.53 0.41 9.82
CA PRO C 151 -6.09 1.76 9.74
C PRO C 151 -5.92 2.42 8.34
N SER C 152 -5.53 1.64 7.30
CA SER C 152 -5.28 2.10 5.92
C SER C 152 -6.48 2.80 5.30
N ARG C 153 -7.69 2.46 5.79
CA ARG C 153 -8.93 3.05 5.30
C ARG C 153 -9.74 3.52 6.49
N ALA C 154 -10.47 4.62 6.33
CA ALA C 154 -11.34 5.10 7.40
C ALA C 154 -12.57 4.16 7.51
N MET C 155 -13.20 4.15 8.67
CA MET C 155 -14.34 3.29 8.96
C MET C 155 -15.25 3.94 10.00
N PRO C 156 -16.54 3.57 10.09
CA PRO C 156 -17.38 4.19 11.12
C PRO C 156 -16.94 3.81 12.53
N ALA C 157 -17.22 4.68 13.49
CA ALA C 157 -17.03 4.55 14.96
C ALA C 157 -15.60 4.49 15.48
N TYR C 158 -14.66 3.80 14.80
CA TYR C 158 -13.32 3.68 15.36
C TYR C 158 -12.60 5.05 15.44
N ASN C 159 -12.97 5.98 14.51
CA ASN C 159 -12.60 7.39 14.48
C ASN C 159 -11.15 7.68 14.89
N TRP C 160 -10.92 8.38 16.02
CA TRP C 160 -9.58 8.75 16.49
C TRP C 160 -8.72 7.57 16.92
N MET C 161 -9.31 6.41 17.25
CA MET C 161 -8.52 5.20 17.53
C MET C 161 -7.81 4.73 16.23
N THR C 162 -8.49 4.87 15.08
CA THR C 162 -7.90 4.52 13.78
C THR C 162 -6.69 5.39 13.51
N VAL C 163 -6.80 6.71 13.83
CA VAL C 163 -5.71 7.67 13.68
C VAL C 163 -4.52 7.23 14.58
N ALA C 164 -4.80 6.82 15.84
CA ALA C 164 -3.79 6.32 16.78
C ALA C 164 -3.11 5.05 16.23
N LYS C 165 -3.86 4.15 15.54
CA LYS C 165 -3.26 2.94 14.94
C LYS C 165 -2.37 3.31 13.76
N SER C 166 -2.78 4.32 12.96
CA SER C 166 -1.93 4.82 11.85
C SER C 166 -0.60 5.34 12.42
N ALA C 167 -0.65 6.04 13.59
CA ALA C 167 0.55 6.56 14.23
C ALA C 167 1.40 5.39 14.73
N LEU C 168 0.75 4.37 15.33
CA LEU C 168 1.43 3.18 15.84
C LEU C 168 2.26 2.47 14.75
N GLU C 169 1.66 2.28 13.59
CA GLU C 169 2.34 1.62 12.47
C GLU C 169 3.59 2.37 12.08
N SER C 170 3.51 3.72 12.10
CA SER C 170 4.66 4.55 11.79
C SER C 170 5.72 4.41 12.89
N VAL C 171 5.30 4.46 14.17
CA VAL C 171 6.19 4.30 15.33
C VAL C 171 6.93 2.95 15.23
N ASN C 172 6.21 1.86 14.88
CA ASN C 172 6.79 0.52 14.75
C ASN C 172 7.97 0.48 13.77
N ARG C 173 7.84 1.18 12.62
CA ARG C 173 8.93 1.26 11.63
C ARG C 173 10.19 1.95 12.18
N PHE C 174 10.03 2.95 13.05
CA PHE C 174 11.18 3.63 13.68
C PHE C 174 11.72 2.82 14.82
N VAL C 175 10.85 2.13 15.58
CA VAL C 175 11.27 1.25 16.68
C VAL C 175 12.18 0.14 16.10
N ALA C 176 11.82 -0.40 14.91
CA ALA C 176 12.59 -1.45 14.21
C ALA C 176 14.02 -0.98 13.94
N ARG C 177 14.20 0.30 13.53
CA ARG C 177 15.53 0.88 13.27
C ARG C 177 16.38 0.81 14.53
N GLU C 178 15.80 1.24 15.68
CA GLU C 178 16.50 1.21 16.96
C GLU C 178 16.75 -0.22 17.46
N ALA C 179 15.72 -1.07 17.39
CA ALA C 179 15.78 -2.48 17.81
C ALA C 179 16.84 -3.32 17.07
N GLY C 180 17.00 -3.05 15.78
CA GLY C 180 17.99 -3.71 14.92
C GLY C 180 19.42 -3.64 15.40
N LYS C 181 19.76 -2.55 16.12
CA LYS C 181 21.08 -2.30 16.73
C LYS C 181 21.40 -3.33 17.83
N TYR C 182 20.36 -3.92 18.43
CA TYR C 182 20.44 -4.95 19.48
C TYR C 182 20.20 -6.36 18.92
N GLY C 183 20.01 -6.46 17.61
CA GLY C 183 19.68 -7.70 16.93
C GLY C 183 18.25 -8.14 17.23
N VAL C 184 17.37 -7.15 17.49
CA VAL C 184 15.98 -7.39 17.90
C VAL C 184 15.00 -6.95 16.80
N ARG C 185 13.95 -7.74 16.57
CA ARG C 185 12.90 -7.43 15.62
C ARG C 185 11.76 -6.69 16.30
N SER C 186 11.01 -5.88 15.54
CA SER C 186 9.85 -5.15 16.02
C SER C 186 8.76 -5.27 14.95
N ASN C 187 7.60 -5.82 15.31
CA ASN C 187 6.53 -5.99 14.34
C ASN C 187 5.20 -5.80 15.00
N LEU C 188 4.14 -5.56 14.21
CA LEU C 188 2.79 -5.49 14.73
C LEU C 188 1.95 -6.64 14.21
N VAL C 189 0.96 -7.06 15.01
CA VAL C 189 -0.02 -8.04 14.55
C VAL C 189 -1.32 -7.27 14.37
N ALA C 190 -1.80 -7.18 13.13
CA ALA C 190 -3.07 -6.52 12.84
C ALA C 190 -4.17 -7.57 12.96
N ALA C 191 -4.98 -7.49 14.03
CA ALA C 191 -6.00 -8.51 14.26
C ALA C 191 -7.32 -8.10 13.66
N GLY C 192 -8.20 -9.07 13.42
CA GLY C 192 -9.57 -8.78 13.04
C GLY C 192 -10.28 -8.42 14.34
N PRO C 193 -11.60 -8.09 14.32
CA PRO C 193 -12.30 -7.73 15.57
C PRO C 193 -12.48 -8.88 16.56
N ILE C 194 -12.18 -8.63 17.84
CA ILE C 194 -12.35 -9.59 18.92
C ILE C 194 -13.29 -8.98 19.92
N ARG C 195 -14.42 -9.68 20.11
CA ARG C 195 -15.55 -9.34 21.00
C ARG C 195 -15.14 -9.51 22.46
N ILE C 215 -21.03 -0.69 13.87
CA ILE C 215 -19.97 -1.56 14.40
C ILE C 215 -20.29 -3.04 14.17
N GLN C 216 -21.57 -3.42 14.33
CA GLN C 216 -22.05 -4.78 14.10
C GLN C 216 -21.87 -5.16 12.62
N LEU C 217 -22.24 -4.23 11.69
CA LEU C 217 -22.09 -4.44 10.24
C LEU C 217 -20.61 -4.58 9.85
N LEU C 218 -19.72 -3.81 10.52
CA LEU C 218 -18.27 -3.85 10.31
C LEU C 218 -17.72 -5.24 10.67
N GLU C 219 -18.14 -5.76 11.84
CA GLU C 219 -17.77 -7.09 12.35
C GLU C 219 -18.34 -8.25 11.52
N GLU C 220 -19.62 -8.20 11.08
CA GLU C 220 -20.24 -9.25 10.25
C GLU C 220 -19.57 -9.35 8.85
N GLY C 221 -19.20 -8.17 8.32
CA GLY C 221 -18.50 -7.99 7.04
C GLY C 221 -17.15 -8.69 7.00
N TRP C 222 -16.50 -8.79 8.17
CA TRP C 222 -15.21 -9.44 8.34
C TRP C 222 -15.25 -10.93 8.05
N ASP C 223 -16.18 -11.66 8.69
CA ASP C 223 -16.33 -13.11 8.47
C ASP C 223 -16.72 -13.41 7.02
N GLN C 224 -17.53 -12.54 6.39
CA GLN C 224 -17.91 -12.79 4.99
C GLN C 224 -16.74 -12.52 4.01
N ARG C 225 -15.91 -11.50 4.26
CA ARG C 225 -14.75 -11.18 3.41
C ARG C 225 -13.56 -12.13 3.62
N ALA C 226 -13.37 -12.61 4.86
CA ALA C 226 -12.27 -13.48 5.22
C ALA C 226 -12.38 -14.81 4.46
N PRO C 227 -11.45 -15.15 3.52
CA PRO C 227 -11.56 -16.45 2.79
C PRO C 227 -11.59 -17.67 3.71
N ILE C 228 -10.91 -17.61 4.87
CA ILE C 228 -10.93 -18.72 5.84
C ILE C 228 -11.89 -18.46 7.02
N GLY C 229 -12.72 -17.43 6.90
CA GLY C 229 -13.67 -17.06 7.94
C GLY C 229 -13.01 -16.33 9.10
N TRP C 230 -13.83 -15.76 9.98
CA TRP C 230 -13.31 -15.03 11.15
C TRP C 230 -14.26 -15.23 12.32
N ASN C 231 -13.73 -15.71 13.44
CA ASN C 231 -14.54 -15.91 14.66
C ASN C 231 -14.15 -14.80 15.66
N MET C 232 -15.03 -13.81 15.85
CA MET C 232 -14.73 -12.70 16.76
C MET C 232 -14.74 -13.09 18.24
N LYS C 233 -15.26 -14.26 18.55
CA LYS C 233 -15.28 -14.71 19.94
C LYS C 233 -14.00 -15.46 20.31
N ASP C 234 -13.15 -15.76 19.32
CA ASP C 234 -11.93 -16.55 19.51
C ASP C 234 -10.62 -15.75 19.27
N ALA C 235 -9.89 -15.42 20.37
CA ALA C 235 -8.62 -14.69 20.27
C ALA C 235 -7.39 -15.61 20.02
N THR C 236 -7.57 -16.96 20.12
CA THR C 236 -6.48 -17.94 19.96
C THR C 236 -5.71 -17.76 18.63
N PRO C 237 -6.35 -17.65 17.43
CA PRO C 237 -5.55 -17.45 16.19
C PRO C 237 -4.61 -16.23 16.22
N VAL C 238 -5.03 -15.16 16.91
CA VAL C 238 -4.26 -13.93 17.08
C VAL C 238 -3.09 -14.19 18.06
N ALA C 239 -3.39 -14.88 19.18
CA ALA C 239 -2.40 -15.22 20.21
C ALA C 239 -1.25 -16.10 19.60
N LYS C 240 -1.62 -17.07 18.75
CA LYS C 240 -0.69 -17.97 18.05
C LYS C 240 0.20 -17.16 17.09
N THR C 241 -0.40 -16.18 16.38
CA THR C 241 0.33 -15.31 15.44
C THR C 241 1.40 -14.50 16.18
N VAL C 242 1.04 -13.95 17.36
CA VAL C 242 1.99 -13.19 18.17
C VAL C 242 3.13 -14.14 18.59
N CYS C 243 2.81 -15.36 19.01
CA CYS C 243 3.83 -16.35 19.39
C CYS C 243 4.73 -16.74 18.22
N ALA C 244 4.18 -16.81 17.00
CA ALA C 244 5.00 -17.10 15.80
C ALA C 244 6.08 -15.99 15.64
N LEU C 245 5.71 -14.70 15.90
CA LEU C 245 6.65 -13.58 15.81
C LEU C 245 7.63 -13.54 16.97
N LEU C 246 7.24 -14.08 18.14
CA LEU C 246 8.11 -14.17 19.32
C LEU C 246 9.11 -15.32 19.15
N SER C 247 8.81 -16.29 18.26
CA SER C 247 9.69 -17.45 18.01
C SER C 247 10.86 -17.09 17.11
N ASP C 248 11.67 -18.08 16.76
CA ASP C 248 12.83 -17.91 15.87
C ASP C 248 12.45 -18.24 14.41
N TRP C 249 11.14 -18.38 14.11
CA TRP C 249 10.68 -18.82 12.79
C TRP C 249 10.44 -17.71 11.76
N LEU C 250 10.47 -16.44 12.17
CA LEU C 250 10.34 -15.28 11.26
C LEU C 250 11.55 -14.38 11.54
N PRO C 251 12.78 -14.90 11.33
CA PRO C 251 13.97 -14.12 11.72
C PRO C 251 14.35 -12.96 10.81
N ALA C 252 13.73 -12.86 9.62
CA ALA C 252 14.09 -11.79 8.68
C ALA C 252 12.94 -10.76 8.52
N THR C 253 12.01 -10.73 9.47
CA THR C 253 10.84 -9.84 9.41
C THR C 253 10.94 -8.84 10.55
N THR C 254 10.92 -7.55 10.19
CA THR C 254 11.00 -6.42 11.14
C THR C 254 10.42 -5.13 10.50
N GLY C 255 9.94 -4.23 11.38
CA GLY C 255 9.28 -2.97 11.03
C GLY C 255 8.00 -3.23 10.26
N ASP C 256 7.49 -4.45 10.40
CA ASP C 256 6.39 -4.96 9.59
C ASP C 256 5.09 -5.23 10.33
N ILE C 257 4.07 -5.56 9.56
CA ILE C 257 2.73 -5.86 10.04
C ILE C 257 2.29 -7.26 9.50
N ILE C 258 1.93 -8.15 10.41
CA ILE C 258 1.40 -9.49 10.07
C ILE C 258 -0.09 -9.41 10.37
N TYR C 259 -0.91 -9.77 9.40
CA TYR C 259 -2.37 -9.70 9.52
C TYR C 259 -2.96 -11.02 9.95
N ALA C 260 -3.51 -11.06 11.18
CA ALA C 260 -4.20 -12.24 11.72
C ALA C 260 -5.67 -11.82 11.69
N ASP C 261 -6.24 -11.76 10.48
CA ASP C 261 -7.60 -11.23 10.29
C ASP C 261 -8.47 -12.11 9.41
N GLY C 262 -8.04 -13.37 9.22
CA GLY C 262 -8.72 -14.31 8.34
C GLY C 262 -8.53 -13.98 6.87
N GLY C 263 -7.64 -13.03 6.57
CA GLY C 263 -7.38 -12.52 5.23
C GLY C 263 -8.40 -11.51 4.73
N ALA C 264 -9.25 -10.98 5.64
CA ALA C 264 -10.30 -10.03 5.27
C ALA C 264 -9.77 -8.80 4.55
N HIS C 265 -8.60 -8.29 4.97
CA HIS C 265 -8.03 -7.09 4.36
C HIS C 265 -7.57 -7.27 2.91
N THR C 266 -7.50 -8.51 2.39
CA THR C 266 -7.04 -8.79 1.02
C THR C 266 -8.20 -8.91 0.05
N GLN C 267 -9.43 -8.77 0.57
CA GLN C 267 -10.66 -8.97 -0.19
C GLN C 267 -11.55 -7.76 -0.13
N LEU C 268 -12.08 -7.31 -1.27
CA LEU C 268 -12.95 -6.14 -1.33
C LEU C 268 -14.37 -6.52 -0.89
N LEU C 269 -14.90 -7.60 -1.45
CA LEU C 269 -16.23 -8.17 -1.20
C LEU C 269 -16.07 -9.70 -1.26
N GLY D 3 -9.14 26.85 -22.48
CA GLY D 3 -9.06 25.41 -22.68
C GLY D 3 -7.87 24.83 -21.93
N LEU D 4 -8.14 23.81 -21.08
CA LEU D 4 -7.14 23.13 -20.27
C LEU D 4 -6.06 22.50 -21.13
N LEU D 5 -6.44 22.02 -22.33
CA LEU D 5 -5.51 21.31 -23.23
C LEU D 5 -5.26 22.08 -24.54
N ASP D 6 -5.39 23.43 -24.48
CA ASP D 6 -5.21 24.34 -25.59
C ASP D 6 -3.89 24.13 -26.36
N GLY D 7 -4.00 23.80 -27.63
CA GLY D 7 -2.87 23.58 -28.54
C GLY D 7 -2.21 22.22 -28.47
N LYS D 8 -2.60 21.37 -27.50
CA LYS D 8 -2.05 20.04 -27.31
C LYS D 8 -2.56 19.05 -28.35
N ARG D 9 -1.65 18.21 -28.84
CA ARG D 9 -1.92 17.15 -29.83
C ARG D 9 -1.96 15.84 -29.06
N ILE D 10 -3.14 15.22 -29.01
CA ILE D 10 -3.34 14.03 -28.19
C ILE D 10 -3.86 12.83 -28.98
N LEU D 11 -3.20 11.68 -28.84
CA LEU D 11 -3.66 10.42 -29.42
C LEU D 11 -4.60 9.77 -28.40
N VAL D 12 -5.81 9.34 -28.83
CA VAL D 12 -6.80 8.68 -27.96
C VAL D 12 -7.17 7.34 -28.60
N SER D 13 -6.85 6.25 -27.89
CA SER D 13 -7.14 4.88 -28.31
C SER D 13 -8.38 4.40 -27.57
N GLY D 14 -8.96 3.30 -28.01
CA GLY D 14 -10.08 2.68 -27.30
C GLY D 14 -11.49 3.18 -27.51
N ILE D 15 -11.76 3.97 -28.54
CA ILE D 15 -13.16 4.37 -28.81
C ILE D 15 -13.81 3.20 -29.60
N ILE D 16 -14.88 2.57 -29.04
CA ILE D 16 -15.63 1.51 -29.72
C ILE D 16 -17.09 1.91 -29.82
N THR D 17 -17.67 2.45 -28.72
CA THR D 17 -19.05 2.93 -28.66
C THR D 17 -19.05 4.32 -28.03
N ASP D 18 -20.21 5.00 -28.03
CA ASP D 18 -20.32 6.33 -27.42
C ASP D 18 -20.40 6.23 -25.90
N SER D 19 -20.42 4.99 -25.36
CA SER D 19 -20.39 4.74 -23.92
C SER D 19 -18.96 4.38 -23.41
N SER D 20 -17.99 4.17 -24.34
CA SER D 20 -16.58 3.90 -23.99
C SER D 20 -16.04 5.10 -23.22
N ILE D 21 -15.23 4.89 -22.18
CA ILE D 21 -14.63 5.99 -21.44
C ILE D 21 -13.78 6.86 -22.40
N ALA D 22 -13.14 6.24 -23.43
CA ALA D 22 -12.32 6.93 -24.42
C ALA D 22 -13.12 7.96 -25.17
N PHE D 23 -14.41 7.66 -25.47
CA PHE D 23 -15.29 8.60 -26.18
C PHE D 23 -15.44 9.87 -25.35
N HIS D 24 -15.68 9.72 -24.05
CA HIS D 24 -15.84 10.86 -23.13
C HIS D 24 -14.53 11.59 -22.91
N ILE D 25 -13.41 10.84 -22.84
CA ILE D 25 -12.06 11.45 -22.70
C ILE D 25 -11.81 12.37 -23.93
N ALA D 26 -12.00 11.83 -25.14
CA ALA D 26 -11.84 12.53 -26.42
C ALA D 26 -12.75 13.75 -26.53
N ARG D 27 -14.06 13.63 -26.13
CA ARG D 27 -15.02 14.74 -26.15
C ARG D 27 -14.55 15.90 -25.26
N VAL D 28 -14.22 15.59 -24.02
CA VAL D 28 -13.75 16.60 -23.07
C VAL D 28 -12.41 17.19 -23.54
N ALA D 29 -11.49 16.35 -24.07
CA ALA D 29 -10.19 16.82 -24.57
C ALA D 29 -10.37 17.85 -25.71
N GLN D 30 -11.32 17.58 -26.64
CA GLN D 30 -11.68 18.50 -27.74
C GLN D 30 -12.33 19.77 -27.21
N GLU D 31 -13.23 19.65 -26.21
CA GLU D 31 -13.87 20.82 -25.59
C GLU D 31 -12.79 21.72 -24.98
N GLN D 32 -11.73 21.10 -24.44
CA GLN D 32 -10.62 21.82 -23.79
C GLN D 32 -9.49 22.26 -24.75
N GLY D 33 -9.78 22.29 -26.05
CA GLY D 33 -8.87 22.80 -27.08
C GLY D 33 -7.82 21.85 -27.61
N ALA D 34 -7.91 20.57 -27.32
CA ALA D 34 -6.91 19.61 -27.85
C ALA D 34 -7.22 19.24 -29.30
N GLN D 35 -6.17 18.91 -30.07
CA GLN D 35 -6.30 18.42 -31.43
C GLN D 35 -6.04 16.91 -31.32
N LEU D 36 -7.01 16.09 -31.73
CA LEU D 36 -6.88 14.64 -31.56
C LEU D 36 -6.53 13.82 -32.77
N VAL D 37 -5.93 12.67 -32.50
CA VAL D 37 -5.63 11.58 -33.42
C VAL D 37 -6.25 10.37 -32.71
N LEU D 38 -7.13 9.66 -33.40
CA LEU D 38 -7.82 8.51 -32.82
C LEU D 38 -7.31 7.21 -33.43
N THR D 39 -7.38 6.12 -32.68
CA THR D 39 -7.01 4.79 -33.19
C THR D 39 -8.18 3.82 -32.97
N GLY D 40 -8.21 2.75 -33.76
CA GLY D 40 -9.21 1.71 -33.66
C GLY D 40 -8.89 0.49 -34.50
N PHE D 41 -9.60 -0.63 -34.23
CA PHE D 41 -9.46 -1.88 -34.97
C PHE D 41 -10.78 -2.63 -35.04
N LEU D 46 -16.39 0.95 -38.85
CA LEU D 46 -17.40 0.92 -37.79
C LEU D 46 -17.15 2.02 -36.76
N ILE D 47 -15.87 2.18 -36.34
CA ILE D 47 -15.42 3.17 -35.36
C ILE D 47 -15.63 4.60 -35.85
N GLN D 48 -15.38 4.85 -37.17
CA GLN D 48 -15.53 6.15 -37.86
C GLN D 48 -16.91 6.73 -37.61
N ARG D 49 -17.96 5.88 -37.67
CA ARG D 49 -19.35 6.21 -37.39
C ARG D 49 -19.48 6.78 -35.97
N ILE D 50 -18.88 6.11 -34.96
CA ILE D 50 -18.89 6.54 -33.56
C ILE D 50 -18.07 7.82 -33.34
N THR D 51 -16.83 7.87 -33.88
CA THR D 51 -15.93 9.03 -33.76
C THR D 51 -16.50 10.30 -34.40
N ASP D 52 -17.39 10.15 -35.42
CA ASP D 52 -18.08 11.28 -36.08
C ASP D 52 -19.00 12.03 -35.11
N ARG D 53 -19.36 11.40 -33.96
CA ARG D 53 -20.25 11.98 -32.93
C ARG D 53 -19.50 12.92 -31.95
N LEU D 54 -18.16 13.00 -32.07
CA LEU D 54 -17.32 13.90 -31.26
C LEU D 54 -17.51 15.35 -31.72
N PRO D 55 -17.26 16.37 -30.85
CA PRO D 55 -17.42 17.78 -31.28
C PRO D 55 -16.71 18.14 -32.60
N ALA D 56 -15.46 17.65 -32.79
CA ALA D 56 -14.68 17.97 -33.99
C ALA D 56 -14.14 16.73 -34.68
N LYS D 57 -13.89 16.85 -35.99
CA LYS D 57 -13.35 15.80 -36.84
C LYS D 57 -11.90 15.56 -36.47
N ALA D 58 -11.52 14.29 -36.40
CA ALA D 58 -10.16 13.89 -36.04
C ALA D 58 -9.80 12.70 -36.91
N PRO D 59 -8.54 12.62 -37.40
CA PRO D 59 -8.17 11.44 -38.21
C PRO D 59 -8.21 10.15 -37.37
N LEU D 60 -8.70 9.06 -37.99
CA LEU D 60 -8.80 7.76 -37.35
C LEU D 60 -7.80 6.81 -37.99
N LEU D 61 -6.89 6.26 -37.17
CA LEU D 61 -5.87 5.34 -37.64
C LEU D 61 -6.13 3.93 -37.15
N GLU D 62 -5.80 2.94 -37.99
CA GLU D 62 -5.97 1.55 -37.59
C GLU D 62 -4.86 1.12 -36.65
N LEU D 63 -5.24 0.46 -35.56
CA LEU D 63 -4.30 -0.05 -34.58
C LEU D 63 -4.81 -1.24 -33.82
N ASP D 64 -4.26 -2.39 -34.15
CA ASP D 64 -4.48 -3.63 -33.41
C ASP D 64 -3.19 -3.74 -32.59
N VAL D 65 -3.31 -3.62 -31.25
CA VAL D 65 -2.17 -3.67 -30.32
C VAL D 65 -1.44 -5.03 -30.32
N GLN D 66 -2.12 -6.10 -30.78
CA GLN D 66 -1.55 -7.44 -30.89
C GLN D 66 -0.78 -7.58 -32.23
N ASN D 67 -0.88 -6.56 -33.11
CA ASN D 67 -0.20 -6.54 -34.42
C ASN D 67 1.07 -5.70 -34.37
N GLU D 68 2.23 -6.37 -34.45
CA GLU D 68 3.57 -5.76 -34.39
C GLU D 68 3.88 -4.83 -35.56
N GLU D 69 3.26 -5.08 -36.73
CA GLU D 69 3.43 -4.24 -37.92
C GLU D 69 2.70 -2.93 -37.74
N HIS D 70 1.46 -2.97 -37.19
CA HIS D 70 0.67 -1.78 -36.86
C HIS D 70 1.44 -0.89 -35.88
N LEU D 71 2.15 -1.50 -34.89
CA LEU D 71 2.93 -0.77 -33.90
C LEU D 71 4.18 -0.14 -34.47
N ALA D 72 4.88 -0.86 -35.37
CA ALA D 72 6.12 -0.38 -36.00
C ALA D 72 5.87 0.79 -36.96
N SER D 73 4.66 0.88 -37.54
CA SER D 73 4.30 1.95 -38.50
C SER D 73 3.54 3.10 -37.86
N LEU D 74 2.99 2.90 -36.65
CA LEU D 74 2.16 3.87 -35.93
C LEU D 74 2.74 5.29 -35.88
N ALA D 75 3.97 5.49 -35.35
CA ALA D 75 4.56 6.83 -35.23
C ALA D 75 4.59 7.60 -36.57
N GLY D 76 4.99 6.92 -37.66
CA GLY D 76 5.02 7.48 -39.01
C GLY D 76 3.64 7.88 -39.49
N ARG D 77 2.63 7.02 -39.25
CA ARG D 77 1.23 7.28 -39.61
C ARG D 77 0.64 8.44 -38.80
N VAL D 78 1.02 8.57 -37.51
CA VAL D 78 0.56 9.68 -36.64
C VAL D 78 1.18 11.00 -37.17
N THR D 79 2.50 10.99 -37.47
CA THR D 79 3.21 12.17 -38.01
C THR D 79 2.54 12.67 -39.30
N GLU D 80 2.14 11.75 -40.19
CA GLU D 80 1.42 12.06 -41.42
C GLU D 80 0.08 12.78 -41.11
N ALA D 81 -0.65 12.30 -40.09
CA ALA D 81 -1.93 12.84 -39.65
C ALA D 81 -1.83 14.21 -38.96
N ILE D 82 -0.78 14.43 -38.16
CA ILE D 82 -0.62 15.70 -37.43
C ILE D 82 0.25 16.71 -38.18
N GLY D 83 0.97 16.25 -39.20
CA GLY D 83 1.85 17.07 -40.02
C GLY D 83 3.29 16.99 -39.57
N ALA D 84 4.20 16.84 -40.53
CA ALA D 84 5.66 16.77 -40.32
C ALA D 84 6.13 18.00 -39.52
N GLY D 85 6.99 17.78 -38.54
CA GLY D 85 7.47 18.84 -37.66
C GLY D 85 6.68 18.98 -36.38
N ASN D 86 5.50 18.34 -36.31
CA ASN D 86 4.65 18.35 -35.11
C ASN D 86 4.80 17.05 -34.36
N LYS D 87 4.67 17.11 -33.03
CA LYS D 87 4.76 15.92 -32.17
C LYS D 87 3.55 15.89 -31.26
N LEU D 88 3.31 14.73 -30.63
CA LEU D 88 2.23 14.53 -29.68
C LEU D 88 2.62 15.02 -28.31
N ASP D 89 1.64 15.59 -27.58
CA ASP D 89 1.82 16.02 -26.20
C ASP D 89 1.14 15.00 -25.27
N GLY D 90 0.25 14.20 -25.83
CA GLY D 90 -0.49 13.25 -25.03
C GLY D 90 -0.86 11.97 -25.71
N VAL D 91 -1.02 10.93 -24.91
CA VAL D 91 -1.43 9.60 -25.34
C VAL D 91 -2.35 9.05 -24.27
N VAL D 92 -3.51 8.56 -24.72
CA VAL D 92 -4.47 7.91 -23.87
C VAL D 92 -4.61 6.46 -24.31
N HIS D 93 -4.27 5.53 -23.39
CA HIS D 93 -4.45 4.10 -23.57
C HIS D 93 -5.76 3.79 -22.87
N SER D 94 -6.79 3.43 -23.62
CA SER D 94 -8.09 3.13 -23.02
C SER D 94 -8.59 1.83 -23.63
N ILE D 95 -7.76 0.81 -23.48
CA ILE D 95 -7.98 -0.53 -24.02
C ILE D 95 -7.93 -1.56 -22.87
N GLY D 96 -8.95 -2.38 -22.78
CA GLY D 96 -9.02 -3.44 -21.77
C GLY D 96 -9.86 -4.60 -22.29
N PHE D 97 -9.35 -5.83 -22.17
CA PHE D 97 -10.06 -7.01 -22.64
C PHE D 97 -9.67 -8.25 -21.85
N MET D 98 -10.68 -9.09 -21.57
CA MET D 98 -10.47 -10.38 -20.96
C MET D 98 -11.57 -11.31 -21.48
N PRO D 99 -11.25 -12.47 -22.10
CA PRO D 99 -12.33 -13.38 -22.53
C PRO D 99 -13.21 -13.80 -21.34
N GLN D 100 -14.46 -14.19 -21.63
CA GLN D 100 -15.46 -14.56 -20.62
C GLN D 100 -15.00 -15.71 -19.70
N THR D 101 -14.06 -16.56 -20.16
CA THR D 101 -13.50 -17.64 -19.33
C THR D 101 -12.69 -17.09 -18.15
N GLY D 102 -12.14 -15.90 -18.29
CA GLY D 102 -11.32 -15.28 -17.25
C GLY D 102 -12.04 -14.21 -16.47
N MET D 103 -13.26 -13.89 -16.86
CA MET D 103 -13.98 -12.80 -16.22
C MET D 103 -15.47 -13.01 -16.31
N GLY D 104 -16.12 -12.91 -15.16
CA GLY D 104 -17.56 -13.07 -15.07
C GLY D 104 -18.01 -14.22 -14.20
N ILE D 105 -18.85 -15.08 -14.75
CA ILE D 105 -19.45 -16.19 -14.03
C ILE D 105 -18.52 -17.42 -13.90
N ASN D 106 -17.59 -17.58 -14.86
CA ASN D 106 -16.71 -18.74 -14.93
C ASN D 106 -15.80 -18.84 -13.69
N PRO D 107 -15.67 -20.04 -13.06
CA PRO D 107 -14.76 -20.16 -11.91
C PRO D 107 -13.35 -19.69 -12.24
N PHE D 108 -12.68 -19.05 -11.27
CA PHE D 108 -11.31 -18.52 -11.43
C PHE D 108 -10.36 -19.61 -11.98
N PHE D 109 -10.47 -20.84 -11.46
CA PHE D 109 -9.62 -21.98 -11.85
C PHE D 109 -9.92 -22.55 -13.24
N ASP D 110 -11.04 -22.16 -13.88
CA ASP D 110 -11.41 -22.70 -15.21
C ASP D 110 -10.97 -21.82 -16.39
N ALA D 111 -10.17 -20.79 -16.14
CA ALA D 111 -9.70 -19.95 -17.25
C ALA D 111 -8.48 -20.58 -17.92
N PRO D 112 -8.52 -20.95 -19.23
CA PRO D 112 -7.29 -21.49 -19.86
C PRO D 112 -6.24 -20.38 -19.99
N TYR D 113 -4.94 -20.74 -19.95
CA TYR D 113 -3.89 -19.73 -20.06
C TYR D 113 -3.90 -18.96 -21.39
N ALA D 114 -4.24 -19.62 -22.51
CA ALA D 114 -4.31 -18.91 -23.80
C ALA D 114 -5.25 -17.68 -23.70
N ASP D 115 -6.39 -17.82 -22.96
CA ASP D 115 -7.35 -16.73 -22.78
C ASP D 115 -6.79 -15.65 -21.87
N VAL D 116 -6.20 -16.06 -20.74
CA VAL D 116 -5.61 -15.14 -19.76
C VAL D 116 -4.49 -14.35 -20.45
N SER D 117 -3.61 -15.05 -21.20
CA SER D 117 -2.50 -14.43 -21.93
C SER D 117 -3.01 -13.38 -22.94
N LYS D 118 -4.10 -13.69 -23.68
CA LYS D 118 -4.66 -12.74 -24.62
C LYS D 118 -5.11 -11.45 -23.89
N GLY D 119 -5.80 -11.64 -22.75
CA GLY D 119 -6.28 -10.55 -21.92
C GLY D 119 -5.18 -9.69 -21.34
N ILE D 120 -4.06 -10.31 -20.94
CA ILE D 120 -2.90 -9.60 -20.40
C ILE D 120 -2.17 -8.86 -21.53
N HIS D 121 -2.11 -9.46 -22.75
CA HIS D 121 -1.47 -8.82 -23.89
C HIS D 121 -2.15 -7.46 -24.19
N ILE D 122 -3.47 -7.50 -24.34
CA ILE D 122 -4.29 -6.36 -24.69
C ILE D 122 -4.41 -5.37 -23.55
N SER D 123 -4.59 -5.85 -22.31
CA SER D 123 -4.86 -4.98 -21.17
C SER D 123 -3.68 -4.41 -20.46
N ALA D 124 -2.51 -5.08 -20.52
CA ALA D 124 -1.36 -4.66 -19.74
C ALA D 124 -0.12 -4.43 -20.60
N TYR D 125 0.34 -5.46 -21.33
CA TYR D 125 1.54 -5.36 -22.17
C TYR D 125 1.40 -4.26 -23.24
N SER D 126 0.20 -4.11 -23.86
CA SER D 126 -0.01 -3.08 -24.89
C SER D 126 0.22 -1.64 -24.41
N TYR D 127 0.19 -1.42 -23.08
CA TYR D 127 0.48 -0.08 -22.53
C TYR D 127 1.97 0.23 -22.78
N ALA D 128 2.85 -0.78 -22.63
CA ALA D 128 4.28 -0.65 -22.92
C ALA D 128 4.50 -0.52 -24.43
N SER D 129 3.77 -1.33 -25.22
CA SER D 129 3.84 -1.32 -26.70
C SER D 129 3.54 0.05 -27.28
N MET D 130 2.44 0.66 -26.82
CA MET D 130 2.01 1.98 -27.29
C MET D 130 3.02 3.06 -26.91
N ALA D 131 3.56 3.01 -25.67
CA ALA D 131 4.56 3.97 -25.20
C ALA D 131 5.85 3.84 -26.03
N LYS D 132 6.26 2.60 -26.34
CA LYS D 132 7.46 2.35 -27.15
C LYS D 132 7.28 2.97 -28.56
N ALA D 133 6.10 2.77 -29.18
CA ALA D 133 5.83 3.29 -30.51
C ALA D 133 5.72 4.83 -30.54
N LEU D 134 5.13 5.43 -29.49
CA LEU D 134 4.82 6.85 -29.51
C LEU D 134 5.80 7.79 -28.79
N LEU D 135 6.60 7.31 -27.80
CA LEU D 135 7.57 8.19 -27.12
C LEU D 135 8.53 8.90 -28.10
N PRO D 136 9.06 8.23 -29.17
CA PRO D 136 9.94 8.95 -30.12
C PRO D 136 9.31 10.17 -30.80
N ILE D 137 7.97 10.25 -30.83
CA ILE D 137 7.26 11.39 -31.45
C ILE D 137 6.46 12.19 -30.39
N MET D 138 7.00 12.23 -29.14
CA MET D 138 6.35 12.99 -28.08
C MET D 138 7.18 14.16 -27.64
N ASN D 139 6.52 15.25 -27.31
CA ASN D 139 7.18 16.46 -26.83
C ASN D 139 7.52 16.39 -25.34
N PRO D 140 8.62 17.04 -24.87
CA PRO D 140 8.85 17.11 -23.41
C PRO D 140 7.66 17.78 -22.73
N GLY D 141 7.37 17.38 -21.49
CA GLY D 141 6.21 17.88 -20.76
C GLY D 141 4.97 17.06 -21.11
N GLY D 142 5.13 16.12 -22.05
CA GLY D 142 4.07 15.22 -22.52
C GLY D 142 3.51 14.30 -21.44
N SER D 143 2.36 13.66 -21.73
CA SER D 143 1.68 12.79 -20.76
C SER D 143 1.04 11.54 -21.39
N ILE D 144 1.32 10.36 -20.81
CA ILE D 144 0.71 9.08 -21.21
C ILE D 144 -0.23 8.69 -20.07
N VAL D 145 -1.49 8.38 -20.37
CA VAL D 145 -2.49 8.01 -19.37
C VAL D 145 -3.15 6.68 -19.77
N GLY D 146 -3.24 5.76 -18.82
CA GLY D 146 -3.93 4.49 -19.00
C GLY D 146 -5.12 4.39 -18.05
N MET D 147 -6.04 3.46 -18.33
CA MET D 147 -7.24 3.27 -17.52
C MET D 147 -7.13 2.02 -16.66
N ASP D 148 -7.39 2.18 -15.38
CA ASP D 148 -7.28 1.12 -14.40
C ASP D 148 -8.60 0.92 -13.60
N PHE D 149 -8.68 -0.19 -12.86
CA PHE D 149 -9.73 -0.57 -11.92
C PHE D 149 -9.00 -1.24 -10.76
N ASP D 150 -8.96 -0.57 -9.60
CA ASP D 150 -8.21 -0.97 -8.40
C ASP D 150 -8.19 -2.49 -8.14
N PRO D 151 -7.00 -3.12 -8.38
CA PRO D 151 -6.89 -4.57 -8.22
C PRO D 151 -6.15 -5.00 -6.92
N SER D 152 -5.94 -4.06 -5.96
N SER D 152 -5.93 -4.06 -5.96
CA SER D 152 -5.23 -4.28 -4.69
CA SER D 152 -5.21 -4.30 -4.70
C SER D 152 -5.82 -5.40 -3.86
C SER D 152 -5.83 -5.38 -3.83
N ARG D 153 -7.12 -5.65 -4.04
CA ARG D 153 -7.87 -6.67 -3.31
C ARG D 153 -8.66 -7.50 -4.30
N ALA D 154 -8.83 -8.78 -3.97
CA ALA D 154 -9.60 -9.67 -4.81
C ALA D 154 -11.10 -9.34 -4.63
N MET D 155 -11.90 -9.73 -5.62
CA MET D 155 -13.33 -9.45 -5.62
C MET D 155 -14.06 -10.52 -6.48
N PRO D 156 -15.37 -10.74 -6.31
CA PRO D 156 -16.04 -11.73 -7.18
C PRO D 156 -16.05 -11.25 -8.63
N ALA D 157 -16.13 -12.20 -9.58
CA ALA D 157 -16.30 -12.01 -11.03
C ALA D 157 -15.17 -11.32 -11.81
N TYR D 158 -14.55 -10.24 -11.29
CA TYR D 158 -13.46 -9.54 -12.02
C TYR D 158 -12.31 -10.49 -12.36
N ASN D 159 -12.08 -11.48 -11.47
CA ASN D 159 -11.19 -12.62 -11.65
C ASN D 159 -9.86 -12.29 -12.32
N TRP D 160 -9.57 -12.88 -13.50
CA TRP D 160 -8.33 -12.67 -14.24
C TRP D 160 -8.18 -11.25 -14.79
N MET D 161 -9.27 -10.44 -14.89
CA MET D 161 -9.08 -9.03 -15.27
C MET D 161 -8.37 -8.27 -14.13
N THR D 162 -8.60 -8.70 -12.85
CA THR D 162 -7.96 -8.13 -11.67
C THR D 162 -6.48 -8.38 -11.78
N VAL D 163 -6.10 -9.56 -12.26
CA VAL D 163 -4.71 -9.95 -12.43
C VAL D 163 -4.08 -9.09 -13.54
N ALA D 164 -4.79 -8.91 -14.68
CA ALA D 164 -4.33 -8.04 -15.80
C ALA D 164 -4.15 -6.59 -15.34
N LYS D 165 -5.06 -6.06 -14.47
CA LYS D 165 -4.92 -4.70 -13.94
C LYS D 165 -3.73 -4.59 -12.99
N SER D 166 -3.49 -5.66 -12.18
CA SER D 166 -2.33 -5.67 -11.30
C SER D 166 -1.04 -5.61 -12.15
N ALA D 167 -1.02 -6.32 -13.30
CA ALA D 167 0.14 -6.32 -14.20
C ALA D 167 0.26 -4.92 -14.85
N LEU D 168 -0.87 -4.31 -15.25
CA LEU D 168 -0.88 -2.97 -15.85
C LEU D 168 -0.24 -1.92 -14.95
N GLU D 169 -0.59 -1.95 -13.64
CA GLU D 169 -0.05 -1.01 -12.67
C GLU D 169 1.46 -1.15 -12.58
N SER D 170 1.93 -2.38 -12.64
CA SER D 170 3.39 -2.67 -12.61
C SER D 170 4.04 -2.15 -13.93
N VAL D 171 3.42 -2.43 -15.09
CA VAL D 171 3.89 -1.97 -16.41
C VAL D 171 3.98 -0.43 -16.41
N ASN D 172 2.96 0.26 -15.88
CA ASN D 172 2.94 1.71 -15.80
C ASN D 172 4.19 2.30 -15.10
N ARG D 173 4.62 1.68 -13.97
CA ARG D 173 5.80 2.11 -13.24
C ARG D 173 7.09 1.99 -14.07
N PHE D 174 7.19 0.98 -14.94
CA PHE D 174 8.35 0.78 -15.83
C PHE D 174 8.26 1.69 -17.03
N VAL D 175 7.04 1.93 -17.53
CA VAL D 175 6.83 2.84 -18.67
C VAL D 175 7.27 4.26 -18.24
N ALA D 176 6.99 4.66 -16.95
CA ALA D 176 7.40 5.95 -16.40
C ALA D 176 8.91 6.14 -16.46
N ARG D 177 9.69 5.07 -16.17
CA ARG D 177 11.17 5.10 -16.25
C ARG D 177 11.61 5.44 -17.66
N GLU D 178 11.02 4.76 -18.67
CA GLU D 178 11.36 5.02 -20.08
C GLU D 178 10.89 6.40 -20.52
N ALA D 179 9.64 6.77 -20.21
CA ALA D 179 9.02 8.05 -20.55
C ALA D 179 9.78 9.28 -19.99
N GLY D 180 10.31 9.15 -18.78
CA GLY D 180 11.10 10.17 -18.11
C GLY D 180 12.29 10.68 -18.89
N LYS D 181 12.89 9.81 -19.73
CA LYS D 181 14.04 10.10 -20.61
C LYS D 181 13.66 11.12 -21.69
N TYR D 182 12.37 11.23 -22.02
CA TYR D 182 11.79 12.14 -23.01
C TYR D 182 11.12 13.34 -22.34
N GLY D 183 11.17 13.40 -21.00
CA GLY D 183 10.50 14.42 -20.18
C GLY D 183 9.00 14.20 -20.17
N VAL D 184 8.56 12.94 -20.32
CA VAL D 184 7.16 12.57 -20.43
C VAL D 184 6.70 11.80 -19.16
N ARG D 185 5.47 12.08 -18.68
CA ARG D 185 4.90 11.40 -17.53
C ARG D 185 4.04 10.23 -18.00
N SER D 186 3.86 9.23 -17.12
CA SER D 186 3.04 8.04 -17.38
C SER D 186 2.25 7.75 -16.12
N ASN D 187 0.91 7.73 -16.19
CA ASN D 187 0.08 7.50 -15.02
C ASN D 187 -1.17 6.76 -15.40
N LEU D 188 -1.86 6.16 -14.41
CA LEU D 188 -3.13 5.49 -14.62
C LEU D 188 -4.22 6.22 -13.88
N VAL D 189 -5.45 6.14 -14.41
CA VAL D 189 -6.63 6.63 -13.71
C VAL D 189 -7.43 5.40 -13.31
N ALA D 190 -7.53 5.15 -11.99
CA ALA D 190 -8.32 4.04 -11.47
C ALA D 190 -9.76 4.55 -11.27
N ALA D 191 -10.67 4.10 -12.13
CA ALA D 191 -12.05 4.57 -12.05
C ALA D 191 -12.94 3.69 -11.13
N GLY D 192 -14.05 4.26 -10.71
CA GLY D 192 -15.08 3.50 -10.01
C GLY D 192 -15.88 2.74 -11.09
N PRO D 193 -16.88 1.92 -10.70
CA PRO D 193 -17.65 1.18 -11.72
C PRO D 193 -18.34 2.10 -12.73
N ILE D 194 -18.22 1.73 -14.00
CA ILE D 194 -18.77 2.50 -15.11
C ILE D 194 -19.77 1.62 -15.83
N ARG D 195 -21.02 2.10 -15.95
CA ARG D 195 -22.07 1.37 -16.64
C ARG D 195 -21.95 1.64 -18.15
N THR D 196 -21.13 0.81 -18.84
CA THR D 196 -20.90 0.85 -20.28
C THR D 196 -21.91 -0.10 -20.98
N LEU D 197 -21.72 -0.41 -22.27
CA LEU D 197 -22.63 -1.34 -22.96
C LEU D 197 -22.54 -2.76 -22.35
N ALA D 198 -21.33 -3.17 -21.91
CA ALA D 198 -21.08 -4.46 -21.28
C ALA D 198 -21.68 -4.56 -19.87
N MET D 199 -21.43 -3.54 -19.02
CA MET D 199 -21.91 -3.46 -17.62
C MET D 199 -23.42 -3.39 -17.48
N SER D 200 -24.11 -2.67 -18.39
CA SER D 200 -25.58 -2.50 -18.41
C SER D 200 -26.31 -3.83 -18.64
N ALA D 201 -25.74 -4.69 -19.49
CA ALA D 201 -26.30 -6.01 -19.84
C ALA D 201 -26.30 -6.95 -18.62
N ILE D 202 -25.21 -6.90 -17.80
CA ILE D 202 -25.04 -7.67 -16.57
C ILE D 202 -26.10 -7.24 -15.52
N VAL D 203 -26.37 -5.92 -15.44
CA VAL D 203 -27.41 -5.34 -14.56
C VAL D 203 -28.78 -5.82 -15.11
N GLY D 204 -28.88 -5.87 -16.44
CA GLY D 204 -30.05 -6.37 -17.18
C GLY D 204 -30.31 -7.86 -17.03
N GLY D 205 -29.35 -8.58 -16.43
CA GLY D 205 -29.47 -10.01 -16.16
C GLY D 205 -28.91 -10.96 -17.21
N ALA D 206 -28.04 -10.45 -18.10
CA ALA D 206 -27.41 -11.26 -19.16
C ALA D 206 -26.46 -12.32 -18.61
N LEU D 207 -25.90 -12.13 -17.41
CA LEU D 207 -24.99 -13.09 -16.78
C LEU D 207 -25.68 -13.98 -15.74
N GLY D 208 -26.99 -13.86 -15.62
CA GLY D 208 -27.76 -14.62 -14.64
C GLY D 208 -28.04 -13.82 -13.38
N GLU D 209 -28.97 -14.30 -12.54
CA GLU D 209 -29.33 -13.60 -11.30
C GLU D 209 -28.21 -13.53 -10.24
N GLU D 210 -27.35 -14.57 -10.14
CA GLU D 210 -26.24 -14.63 -9.17
C GLU D 210 -25.19 -13.55 -9.43
N ALA D 211 -24.69 -13.43 -10.69
CA ALA D 211 -23.70 -12.42 -11.09
C ALA D 211 -24.36 -11.04 -11.05
N GLY D 212 -25.62 -10.96 -11.48
CA GLY D 212 -26.38 -9.72 -11.44
C GLY D 212 -26.50 -9.12 -10.04
N ALA D 213 -26.71 -9.99 -9.01
CA ALA D 213 -26.81 -9.62 -7.60
C ALA D 213 -25.45 -9.22 -7.03
N GLN D 214 -24.37 -9.94 -7.41
CA GLN D 214 -23.00 -9.67 -7.00
C GLN D 214 -22.52 -8.32 -7.49
N ILE D 215 -22.84 -7.98 -8.74
CA ILE D 215 -22.44 -6.71 -9.36
C ILE D 215 -23.26 -5.59 -8.76
N GLN D 216 -24.57 -5.83 -8.52
CA GLN D 216 -25.45 -4.84 -7.88
C GLN D 216 -24.91 -4.49 -6.47
N LEU D 217 -24.52 -5.49 -5.67
CA LEU D 217 -23.95 -5.29 -4.33
C LEU D 217 -22.61 -4.54 -4.41
N LEU D 218 -21.80 -4.83 -5.46
CA LEU D 218 -20.50 -4.20 -5.71
C LEU D 218 -20.69 -2.71 -5.98
N GLU D 219 -21.72 -2.33 -6.78
CA GLU D 219 -22.00 -0.93 -7.15
C GLU D 219 -22.71 -0.15 -6.05
N GLU D 220 -23.65 -0.81 -5.36
CA GLU D 220 -24.34 -0.16 -4.25
C GLU D 220 -23.31 0.15 -3.15
N GLY D 221 -22.40 -0.77 -2.87
CA GLY D 221 -21.33 -0.61 -1.88
C GLY D 221 -20.39 0.53 -2.18
N TRP D 222 -20.14 0.81 -3.47
CA TRP D 222 -19.29 1.87 -3.97
C TRP D 222 -19.83 3.24 -3.61
N ASP D 223 -21.08 3.50 -3.97
CA ASP D 223 -21.76 4.76 -3.69
C ASP D 223 -21.87 4.99 -2.18
N GLN D 224 -22.11 3.94 -1.38
CA GLN D 224 -22.20 4.16 0.08
C GLN D 224 -20.83 4.42 0.72
N ARG D 225 -19.74 3.76 0.25
CA ARG D 225 -18.37 3.98 0.77
C ARG D 225 -17.78 5.30 0.29
N ALA D 226 -18.08 5.71 -0.97
CA ALA D 226 -17.56 6.96 -1.54
C ALA D 226 -18.04 8.17 -0.71
N PRO D 227 -17.18 8.94 0.01
CA PRO D 227 -17.72 10.05 0.83
C PRO D 227 -18.49 11.09 0.00
N ILE D 228 -18.13 11.26 -1.29
CA ILE D 228 -18.83 12.20 -2.18
C ILE D 228 -19.84 11.49 -3.11
N GLY D 229 -20.05 10.20 -2.87
CA GLY D 229 -20.95 9.41 -3.69
C GLY D 229 -20.31 8.97 -5.00
N TRP D 230 -20.99 8.07 -5.70
CA TRP D 230 -20.52 7.55 -6.97
C TRP D 230 -21.70 7.30 -7.87
N ASN D 231 -21.68 7.93 -9.04
CA ASN D 231 -22.73 7.78 -10.04
C ASN D 231 -22.17 6.88 -11.16
N MET D 232 -22.55 5.59 -11.13
CA MET D 232 -22.06 4.59 -12.09
C MET D 232 -22.56 4.86 -13.55
N LYS D 233 -23.54 5.78 -13.75
CA LYS D 233 -24.08 6.14 -15.06
C LYS D 233 -23.36 7.37 -15.68
N ASP D 234 -22.48 8.04 -14.89
CA ASP D 234 -21.78 9.24 -15.31
C ASP D 234 -20.28 9.05 -15.41
N ALA D 235 -19.77 8.98 -16.64
CA ALA D 235 -18.34 8.79 -16.87
C ALA D 235 -17.53 10.11 -16.85
N THR D 236 -18.20 11.27 -16.95
CA THR D 236 -17.59 12.60 -17.02
C THR D 236 -16.53 12.85 -15.91
N PRO D 237 -16.76 12.56 -14.60
CA PRO D 237 -15.69 12.79 -13.60
C PRO D 237 -14.37 12.06 -13.90
N VAL D 238 -14.46 10.86 -14.52
CA VAL D 238 -13.31 10.04 -14.91
C VAL D 238 -12.60 10.70 -16.13
N ALA D 239 -13.38 11.13 -17.14
CA ALA D 239 -12.85 11.78 -18.35
C ALA D 239 -12.09 13.09 -17.97
N LYS D 240 -12.66 13.89 -17.06
CA LYS D 240 -12.05 15.14 -16.56
C LYS D 240 -10.72 14.83 -15.85
N THR D 241 -10.69 13.74 -15.06
CA THR D 241 -9.49 13.31 -14.33
C THR D 241 -8.38 12.96 -15.30
N VAL D 242 -8.70 12.26 -16.40
CA VAL D 242 -7.72 11.91 -17.44
C VAL D 242 -7.18 13.24 -18.05
N CYS D 243 -8.07 14.17 -18.36
CA CYS D 243 -7.66 15.47 -18.90
C CYS D 243 -6.79 16.26 -17.93
N ALA D 244 -7.04 16.16 -16.60
CA ALA D 244 -6.19 16.82 -15.60
C ALA D 244 -4.75 16.28 -15.71
N LEU D 245 -4.60 14.95 -15.96
CA LEU D 245 -3.29 14.31 -16.13
C LEU D 245 -2.63 14.65 -17.45
N LEU D 246 -3.43 14.91 -18.48
CA LEU D 246 -2.95 15.31 -19.81
C LEU D 246 -2.51 16.77 -19.80
N SER D 247 -3.02 17.59 -18.83
CA SER D 247 -2.68 19.00 -18.70
C SER D 247 -1.28 19.20 -18.08
N ASP D 248 -0.91 20.46 -17.83
CA ASP D 248 0.37 20.79 -17.21
C ASP D 248 0.18 21.00 -15.70
N TRP D 249 -0.98 20.61 -15.15
CA TRP D 249 -1.30 20.89 -13.74
C TRP D 249 -0.85 19.81 -12.72
N LEU D 250 -0.37 18.65 -13.19
CA LEU D 250 0.20 17.60 -12.32
C LEU D 250 1.59 17.29 -12.90
N PRO D 251 2.49 18.29 -12.93
CA PRO D 251 3.78 18.09 -13.60
C PRO D 251 4.80 17.23 -12.86
N ALA D 252 4.55 16.91 -11.58
CA ALA D 252 5.52 16.15 -10.79
C ALA D 252 4.98 14.77 -10.43
N THR D 253 3.93 14.31 -11.13
CA THR D 253 3.29 13.02 -10.89
C THR D 253 3.57 12.09 -12.07
N THR D 254 4.21 10.93 -11.80
CA THR D 254 4.55 9.91 -12.79
C THR D 254 4.72 8.53 -12.13
N GLY D 255 4.48 7.48 -12.92
CA GLY D 255 4.49 6.08 -12.50
C GLY D 255 3.41 5.80 -11.50
N ASP D 256 2.41 6.68 -11.45
CA ASP D 256 1.40 6.69 -10.41
C ASP D 256 -0.02 6.39 -10.83
N ILE D 257 -0.91 6.33 -9.83
CA ILE D 257 -2.33 6.01 -9.99
C ILE D 257 -3.17 7.11 -9.31
N ILE D 258 -4.08 7.72 -10.09
CA ILE D 258 -5.01 8.72 -9.58
C ILE D 258 -6.35 8.02 -9.54
N TYR D 259 -7.02 8.04 -8.39
CA TYR D 259 -8.28 7.36 -8.17
C TYR D 259 -9.44 8.29 -8.40
N ALA D 260 -10.23 8.05 -9.46
CA ALA D 260 -11.43 8.81 -9.77
C ALA D 260 -12.55 7.82 -9.43
N ASP D 261 -12.75 7.57 -8.12
CA ASP D 261 -13.69 6.55 -7.66
C ASP D 261 -14.64 7.04 -6.55
N GLY D 262 -14.75 8.36 -6.40
CA GLY D 262 -15.56 9.00 -5.36
C GLY D 262 -14.91 8.87 -3.99
N GLY D 263 -13.63 8.47 -3.98
CA GLY D 263 -12.89 8.16 -2.77
C GLY D 263 -13.26 6.85 -2.08
N ALA D 264 -14.01 5.93 -2.76
CA ALA D 264 -14.44 4.62 -2.20
C ALA D 264 -13.29 3.74 -1.69
N HIS D 265 -12.16 3.74 -2.38
CA HIS D 265 -11.01 2.94 -1.97
C HIS D 265 -10.35 3.39 -0.64
N THR D 266 -10.72 4.57 -0.11
CA THR D 266 -10.12 5.11 1.12
C THR D 266 -10.95 4.79 2.35
N GLN D 267 -12.10 4.12 2.13
CA GLN D 267 -13.08 3.83 3.16
C GLN D 267 -13.37 2.34 3.23
N LEU D 268 -13.41 1.77 4.45
CA LEU D 268 -13.69 0.33 4.60
C LEU D 268 -15.19 0.06 4.54
N LEU D 269 -15.96 0.86 5.29
CA LEU D 269 -17.41 0.82 5.38
C LEU D 269 -17.91 2.28 5.44
PA NAD E . 6.91 26.33 6.66
O1A NAD E . 7.75 26.50 7.88
O2A NAD E . 7.12 27.54 5.76
O5B NAD E . 5.30 26.18 6.97
C5B NAD E . 4.79 25.66 8.22
C4B NAD E . 3.81 26.66 8.75
O4B NAD E . 3.18 26.19 9.96
C3B NAD E . 4.39 28.05 9.08
O3B NAD E . 3.81 29.05 8.25
C2B NAD E . 4.04 28.25 10.56
O2B NAD E . 3.77 29.60 10.90
C1B NAD E . 2.82 27.34 10.69
N9A NAD E . 2.45 26.97 12.05
C8A NAD E . 3.24 26.40 13.02
N7A NAD E . 2.65 26.27 14.18
C5A NAD E . 1.38 26.78 13.97
C6A NAD E . 0.27 26.97 14.82
N6A NAD E . 0.27 26.64 16.12
N1A NAD E . -0.85 27.52 14.29
C2A NAD E . -0.84 27.86 13.00
N3A NAD E . 0.14 27.75 12.11
C4A NAD E . 1.23 27.20 12.66
O3 NAD E . 7.40 25.07 5.84
PN NAD E . 6.75 24.40 4.53
O1N NAD E . 6.16 25.47 3.72
O2N NAD E . 7.72 23.46 3.91
O5D NAD E . 5.59 23.56 5.23
C5D NAD E . 4.24 23.52 4.76
C4D NAD E . 3.73 22.10 4.74
O4D NAD E . 4.36 21.37 3.66
C3D NAD E . 3.98 21.28 6.02
O3D NAD E . 2.82 20.55 6.39
C2D NAD E . 5.14 20.38 5.62
O2D NAD E . 5.24 19.19 6.39
C1D NAD E . 4.79 20.13 4.15
N1N NAD E . 5.93 19.61 3.28
C2N NAD E . 7.12 20.28 3.26
C3N NAD E . 8.22 19.74 2.63
C7N NAD E . 9.57 20.40 2.60
O7N NAD E . 10.55 19.76 2.25
N7N NAD E . 9.67 21.65 3.09
C4N NAD E . 8.08 18.51 1.98
C5N NAD E . 6.86 17.86 1.98
C6N NAD E . 5.79 18.43 2.65
CAO PYW F . 7.47 20.38 2.68
CAK PYW F . 6.25 21.00 2.90
CAM PYW F . 5.13 20.22 2.93
NAT PYW F . 5.14 18.88 2.82
CAQ PYW F . 6.33 18.31 2.60
CBF PYW F . 7.54 19.00 2.53
CAS PYW F . 8.86 18.30 2.30
CBL PYW F . 9.58 17.86 3.59
NAV PYW F . 9.59 18.96 4.55
C PYW F . 8.86 18.95 5.66
O PYW F . 8.18 17.98 6.01
CBK PYW F . 11.03 17.39 3.32
OAJ PYW F . 11.78 18.42 2.69
CBJ PYW F . 11.78 16.88 4.56
CAD PYW F . 12.99 16.02 4.17
CBD PYW F . 12.25 17.98 5.49
OAH PYW F . 12.53 19.10 5.13
OAX PYW F . 12.30 17.59 6.83
CBE PYW F . 12.73 18.55 7.78
CAZ PYW F . 13.94 18.43 8.36
CAB PYW F . 14.48 19.36 9.41
CAR PYW F . 14.87 17.32 7.97
CAA PYW F . 14.87 16.23 8.99
CBA PYW F . 11.66 19.57 8.09
OAE PYW F . 11.88 20.62 8.64
OG1 PYW F . 10.42 19.18 7.73
CB PYW F . 9.34 20.16 7.84
CG2 PYW F . 8.34 19.66 8.87
CA PYW F . 8.78 20.27 6.42
N PYW F . 7.37 20.58 6.38
CBB PYW F . 6.87 21.82 6.36
OAF PYW F . 7.57 22.82 6.42
CBH PYW F . 5.39 21.92 6.17
NAU PYW F . 4.94 23.04 5.57
CAN PYW F . 3.62 23.12 5.30
CAL PYW F . 2.73 22.10 5.58
CAP PYW F . 3.20 20.94 6.17
CBG PYW F . 4.55 20.81 6.46
OAI PYW F . 4.96 19.64 7.02
PA NAD G . 15.77 -21.09 -8.89
O1A NAD G . 16.37 -20.90 -10.23
O2A NAD G . 16.55 -22.11 -8.07
O5B NAD G . 14.18 -21.51 -8.89
C5B NAD G . 13.33 -21.33 -10.04
C4B NAD G . 12.77 -22.69 -10.38
O4B NAD G . 11.73 -22.57 -11.38
C3B NAD G . 13.78 -23.71 -10.91
O3B NAD G . 13.87 -24.81 -10.02
C2B NAD G . 13.18 -24.14 -12.27
O2B NAD G . 13.35 -25.52 -12.57
C1B NAD G . 11.71 -23.81 -12.05
N9A NAD G . 10.90 -23.71 -13.26
C8A NAD G . 11.14 -22.94 -14.37
N7A NAD G . 10.34 -23.21 -15.38
C5A NAD G . 9.51 -24.21 -14.89
C6A NAD G . 8.46 -24.95 -15.47
N6A NAD G . 8.11 -24.86 -16.76
N1A NAD G . 7.81 -25.84 -14.70
C2A NAD G . 8.21 -26.02 -13.43
N3A NAD G . 9.21 -25.41 -12.79
C4A NAD G . 9.83 -24.51 -13.58
O3 NAD G . 15.87 -19.73 -8.07
PN NAD G . 15.34 -19.40 -6.60
O1N NAD G . 15.99 -18.17 -6.10
O2N NAD G . 15.40 -20.64 -5.79
O5D NAD G . 13.84 -19.00 -6.96
C5D NAD G . 12.69 -19.64 -6.36
C4D NAD G . 11.61 -18.61 -6.21
O4D NAD G . 12.04 -17.59 -5.28
C3D NAD G . 11.18 -17.89 -7.49
O3D NAD G . 9.76 -17.77 -7.60
C2D NAD G . 11.88 -16.53 -7.36
O2D NAD G . 11.23 -15.50 -8.09
C1D NAD G . 11.80 -16.33 -5.86
N1N NAD G . 12.77 -15.31 -5.24
C2N NAD G . 14.10 -15.39 -5.51
C3N NAD G . 14.97 -14.39 -5.09
C7N NAD G . 16.46 -14.40 -5.38
O7N NAD G . 17.11 -13.39 -5.16
N7N NAD G . 16.98 -15.47 -5.95
C4N NAD G . 14.45 -13.32 -4.36
C5N NAD G . 13.10 -13.29 -4.07
C6N NAD G . 12.27 -14.29 -4.52
CAO PYW H . 14.64 -15.30 -4.97
CAK PYW H . 13.72 -16.34 -4.92
CAM PYW H . 12.41 -16.03 -4.61
NAT PYW H . 11.97 -14.78 -4.38
CAQ PYW H . 12.88 -13.79 -4.47
CBF PYW H . 14.22 -13.99 -4.76
CAS PYW H . 15.20 -12.85 -4.86
CBL PYW H . 15.32 -12.25 -6.27
NAV PYW H . 15.53 -13.32 -7.26
C PYW H . 14.63 -13.64 -8.18
O PYW H . 13.55 -13.05 -8.32
CBK PYW H . 16.42 -11.18 -6.33
OAJ PYW H . 17.68 -11.75 -6.00
CBJ PYW H . 16.50 -10.42 -7.67
CAD PYW H . 17.15 -9.05 -7.51
CBD PYW H . 17.22 -11.22 -8.74
OAH PYW H . 18.06 -12.06 -8.53
OAX PYW H . 16.76 -10.95 -10.02
CBE PYW H . 17.36 -11.63 -11.10
CAZ PYW H . 18.21 -10.98 -11.91
CAB PYW H . 18.87 -11.60 -13.11
CAR PYW H . 18.58 -9.54 -11.64
CAA PYW H . 17.61 -8.58 -12.30
CBA PYW H . 16.84 -13.02 -11.25
OAE PYW H . 17.28 -13.82 -12.04
OG1 PYW H . 15.78 -13.24 -10.45
CB PYW H . 15.14 -14.56 -10.51
CG2 PYW H . 13.86 -14.42 -11.31
CA PYW H . 14.94 -14.87 -9.03
N PYW H . 13.81 -15.75 -8.80
CBB PYW H . 13.91 -17.06 -8.59
OAF PYW H . 14.98 -17.68 -8.67
CBH PYW H . 12.65 -17.77 -8.17
NAU PYW H . 12.83 -18.99 -7.64
CAN PYW H . 11.74 -19.63 -7.16
CAL PYW H . 10.48 -19.07 -7.16
CAP PYW H . 10.31 -17.80 -7.67
CBG PYW H . 11.40 -17.10 -8.17
OAI PYW H . 11.14 -15.85 -8.67
PA NAD I . -8.24 -4.58 26.46
O1A NAD I . -8.39 -5.84 27.23
O2A NAD I . -9.23 -3.52 26.88
O5B NAD I . -6.69 -4.07 26.53
C5B NAD I . -6.27 -2.69 26.61
C4B NAD I . -5.22 -2.70 27.69
O4B NAD I . -4.53 -1.43 27.72
C3B NAD I . -5.78 -2.93 29.10
O3B NAD I . -5.15 -3.99 29.80
C2B NAD I . -5.54 -1.59 29.79
O2B NAD I . -5.29 -1.71 31.19
C1B NAD I . -4.29 -1.13 29.07
N9A NAD I . -3.97 0.28 29.23
C8A NAD I . -4.84 1.34 29.18
N7A NAD I . -4.30 2.47 29.60
C5A NAD I . -2.99 2.12 29.92
C6A NAD I . -1.94 2.86 30.48
N6A NAD I . -2.02 4.14 30.85
N1A NAD I . -0.77 2.20 30.73
C2A NAD I . -0.70 0.90 30.44
N3A NAD I . -1.65 0.10 29.93
C4A NAD I . -2.78 0.77 29.69
O3 NAD I . -8.54 -4.88 24.93
PN NAD I . -7.84 -5.72 23.77
O1N NAD I . -7.21 -6.93 24.33
O2N NAD I . -8.86 -5.88 22.70
O5D NAD I . -6.72 -4.68 23.32
C5D NAD I . -5.29 -4.93 23.41
C4D NAD I . -4.64 -4.38 22.16
O4D NAD I . -5.10 -5.12 21.00
C3D NAD I . -4.95 -2.91 21.87
O3D NAD I . -3.81 -2.23 21.31
C2D NAD I . -6.08 -3.00 20.86
O2D NAD I . -6.18 -1.79 20.10
C1D NAD I . -5.62 -4.22 20.06
N1N NAD I . -6.66 -4.93 19.18
C2N NAD I . -7.89 -5.24 19.65
C3N NAD I . -8.90 -5.66 18.79
C7N NAD I . -10.26 -6.11 19.22
O7N NAD I . -11.20 -6.13 18.39
N7N NAD I . -10.46 -6.34 20.54
C4N NAD I . -8.60 -5.78 17.43
C5N NAD I . -7.31 -5.52 16.98
C6N NAD I . -6.35 -5.10 17.87
CAO PYW J . -14.19 1.08 -16.77
CAK PYW J . -13.34 1.52 -17.77
CAM PYW J . -12.00 1.67 -17.48
NAT PYW J . -11.48 1.41 -16.28
CAQ PYW J . -12.32 0.95 -15.33
CBF PYW J . -13.68 0.77 -15.52
CAS PYW J . -14.59 0.24 -14.43
CBL PYW J . -14.71 -1.30 -14.38
NAV PYW J . -14.84 -1.83 -15.73
C PYW J . -13.89 -2.57 -16.32
O PYW J . -12.85 -2.89 -15.76
CBK PYW J . -15.89 -1.74 -13.50
OAJ PYW J . -17.10 -1.20 -14.01
CBJ PYW J . -16.01 -3.26 -13.28
CAD PYW J . -16.89 -3.59 -12.08
CBD PYW J . -16.57 -4.01 -14.48
OAH PYW J . -17.39 -3.57 -15.24
OAX PYW J . -16.04 -5.29 -14.64
CBE PYW J . -16.51 -6.08 -15.70
CAZ PYW J . -17.33 -7.12 -15.45
CAB PYW J . -17.87 -8.07 -16.50
CAR PYW J . -17.78 -7.44 -14.07
CAA PYW J . -16.78 -8.36 -13.42
CBA PYW J . -15.92 -5.71 -17.02
OAE PYW J . -16.30 -6.17 -18.08
OG1 PYW J . -14.87 -4.89 -16.90
CB PYW J . -14.25 -4.37 -18.12
CG2 PYW J . -12.94 -5.07 -18.37
CA PYW J . -14.11 -2.88 -17.81
N PYW J . -12.98 -2.28 -18.49
CBB PYW J . -13.11 -1.59 -19.63
OAF PYW J . -14.20 -1.46 -20.20
CBH PYW J . -11.89 -0.85 -20.10
NAU PYW J . -12.12 0.12 -21.00
CAN PYW J . -11.11 0.93 -21.32
CAL PYW J . -9.84 0.82 -20.75
CAP PYW J . -9.64 -0.14 -19.79
CBG PYW J . -10.67 -0.98 -19.40
OAI PYW J . -10.41 -1.87 -18.39
#